data_5KAL
#
_entry.id   5KAL
#
_cell.length_a   82.688
_cell.length_b   42.876
_cell.length_c   109.618
_cell.angle_alpha   90.00
_cell.angle_beta   94.05
_cell.angle_gamma   90.00
#
_symmetry.space_group_name_H-M   'P 1 21 1'
#
loop_
_entity.id
_entity.type
_entity.pdbx_description
1 polymer 'RNA uridylyltransferase 4'
2 polymer "RNA (5'-R(*UP*U)-3')"
3 non-polymer "URIDINE 5'-TRIPHOSPHATE"
4 non-polymer 'MAGNESIUM ION'
5 water water
#
loop_
_entity_poly.entity_id
_entity_poly.type
_entity_poly.pdbx_seq_one_letter_code
_entity_poly.pdbx_strand_id
1 'polypeptide(L)'
;MGSSHHHHHHSSGLVPRGSHMPPSPAVVGRSLVNSFKQFVSKDLHTRHVDATYRLVLDCVAAVDPLMRLYTFGSTVVYGV
HEKGSDVDFVVLNKTDVEDGKGGDAATQVAKGLQADILAKLARVIRQKHLSWNVEEVRRTRVPVVRVKGGGAVDFDITAY
RRNGVRNSALLRAYFEQNPPCRWLSMSIKRWSKQTGLNASVIGGSITSYGFNLMVVYYLLQRNHLQFVPPSTIDVSRVEP
LPPHLPLEEPADEGLELGTQVLDFLHFFLHEFDSDKQVISLNRPGITTKEELDWTKSAEDFARMNGEKVHYQWCIEDPYE
LNLNVGRNVTPLKRDFLRRHLEKARDTALLTIV
;
A,B
2 'polyribonucleotide' UU Y,Z
#
loop_
_chem_comp.id
_chem_comp.type
_chem_comp.name
_chem_comp.formula
MG non-polymer 'MAGNESIUM ION' 'Mg 2'
U RNA linking URIDINE-5'-MONOPHOSPHATE 'C9 H13 N2 O9 P'
UTP non-polymer 'URIDINE 5'-TRIPHOSPHATE' 'C9 H15 N2 O15 P3'
#
# COMPACT_ATOMS: atom_id res chain seq x y z
N PRO A 22 35.45 10.18 36.33
CA PRO A 22 34.49 9.17 36.78
C PRO A 22 33.41 9.77 37.68
N PRO A 23 32.37 10.36 37.08
CA PRO A 23 31.34 11.02 37.88
C PRO A 23 30.68 10.05 38.85
N SER A 24 30.21 10.60 39.96
CA SER A 24 29.48 9.85 40.97
C SER A 24 27.99 9.84 40.64
N PRO A 25 27.22 8.94 41.25
CA PRO A 25 25.77 8.95 41.00
C PRO A 25 25.12 10.28 41.28
N ALA A 26 25.59 11.00 42.30
CA ALA A 26 24.99 12.28 42.67
C ALA A 26 25.16 13.31 41.56
N VAL A 27 26.35 13.36 40.95
CA VAL A 27 26.59 14.34 39.89
C VAL A 27 25.71 14.04 38.68
N VAL A 28 25.65 12.78 38.27
CA VAL A 28 24.78 12.39 37.17
C VAL A 28 23.33 12.79 37.46
N GLY A 29 22.87 12.48 38.67
CA GLY A 29 21.50 12.85 39.03
C GLY A 29 21.26 14.34 38.94
N ARG A 30 22.16 15.12 39.52
CA ARG A 30 22.02 16.58 39.48
C ARG A 30 21.97 17.07 38.04
N SER A 31 22.81 16.52 37.17
CA SER A 31 22.81 16.91 35.77
C SER A 31 21.45 16.62 35.13
N LEU A 32 20.91 15.42 35.36
CA LEU A 32 19.65 15.03 34.73
C LEU A 32 18.50 15.91 35.21
N VAL A 33 18.34 16.03 36.53
CA VAL A 33 17.27 16.87 37.07
C VAL A 33 17.42 18.30 36.53
N ASN A 34 18.66 18.78 36.44
CA ASN A 34 18.90 20.10 35.89
C ASN A 34 18.47 20.17 34.43
N SER A 35 18.58 19.08 33.69
CA SER A 35 18.25 19.09 32.28
C SER A 35 16.75 19.02 32.04
N PHE A 36 15.97 18.55 33.01
CA PHE A 36 14.52 18.46 32.82
C PHE A 36 13.74 19.66 33.36
N LYS A 37 14.39 20.71 33.86
CA LYS A 37 13.64 21.78 34.50
C LYS A 37 12.63 22.41 33.54
N GLN A 38 13.02 22.58 32.26
CA GLN A 38 12.13 23.26 31.32
C GLN A 38 10.87 22.46 31.07
N PHE A 39 10.98 21.14 30.92
CA PHE A 39 9.82 20.31 30.62
C PHE A 39 8.82 20.30 31.77
N VAL A 40 9.28 20.47 33.01
CA VAL A 40 8.41 20.42 34.17
C VAL A 40 7.77 21.79 34.38
N SER A 41 6.86 22.16 33.49
CA SER A 41 6.16 23.44 33.61
C SER A 41 4.82 23.38 32.90
N HIS A 48 -4.58 17.59 27.13
CA HIS A 48 -4.60 18.35 25.89
C HIS A 48 -4.90 17.45 24.69
N VAL A 49 -4.92 16.15 24.92
CA VAL A 49 -5.18 15.18 23.87
C VAL A 49 -6.67 15.10 23.51
N ASP A 50 -7.55 15.61 24.37
CA ASP A 50 -8.99 15.46 24.12
C ASP A 50 -9.39 16.09 22.79
N ALA A 51 -8.88 17.29 22.51
CA ALA A 51 -9.27 17.97 21.26
C ALA A 51 -8.81 17.18 20.04
N THR A 52 -7.58 16.68 20.07
CA THR A 52 -7.09 15.86 18.95
C THR A 52 -7.91 14.59 18.80
N TYR A 53 -8.22 13.93 19.92
CA TYR A 53 -9.03 12.72 19.86
C TYR A 53 -10.37 13.00 19.21
N ARG A 54 -11.03 14.08 19.61
CA ARG A 54 -12.31 14.42 19.01
C ARG A 54 -12.16 14.73 17.52
N LEU A 55 -11.12 15.49 17.16
CA LEU A 55 -10.90 15.84 15.76
C LEU A 55 -10.77 14.60 14.90
N VAL A 56 -9.99 13.61 15.35
CA VAL A 56 -9.84 12.39 14.58
C VAL A 56 -11.15 11.61 14.55
N LEU A 57 -11.84 11.54 15.71
CA LEU A 57 -13.09 10.80 15.77
C LEU A 57 -14.12 11.35 14.80
N ASP A 58 -14.09 12.66 14.54
CA ASP A 58 -15.02 13.24 13.56
C ASP A 58 -14.85 12.58 12.20
N CYS A 59 -13.61 12.51 11.70
CA CYS A 59 -13.36 11.85 10.42
C CYS A 59 -13.75 10.37 10.48
N VAL A 60 -13.32 9.67 11.53
CA VAL A 60 -13.65 8.26 11.66
C VAL A 60 -15.16 8.06 11.51
N ALA A 61 -15.94 8.88 12.20
CA ALA A 61 -17.39 8.81 12.09
C ALA A 61 -17.86 9.12 10.69
N ALA A 62 -17.19 10.07 10.02
CA ALA A 62 -17.55 10.40 8.65
C ALA A 62 -17.44 9.18 7.75
N VAL A 63 -16.47 8.31 8.01
CA VAL A 63 -16.39 7.06 7.26
C VAL A 63 -17.45 6.08 7.73
N ASP A 64 -17.57 5.89 9.04
CA ASP A 64 -18.51 4.93 9.61
C ASP A 64 -18.83 5.32 11.05
N PRO A 65 -20.09 5.57 11.40
CA PRO A 65 -20.40 5.98 12.77
C PRO A 65 -20.31 4.85 13.79
N LEU A 66 -20.15 3.61 13.34
CA LEU A 66 -20.06 2.47 14.24
C LEU A 66 -18.62 2.08 14.59
N MET A 67 -17.63 2.67 13.93
CA MET A 67 -16.24 2.36 14.27
C MET A 67 -15.81 3.13 15.52
N ARG A 68 -14.90 2.52 16.27
CA ARG A 68 -14.39 3.05 17.52
C ARG A 68 -12.92 3.42 17.39
N LEU A 69 -12.51 4.42 18.18
CA LEU A 69 -11.16 4.96 18.14
C LEU A 69 -10.45 4.67 19.45
N TYR A 70 -9.23 4.14 19.37
CA TYR A 70 -8.46 3.78 20.56
C TYR A 70 -7.06 4.40 20.48
N THR A 71 -6.57 4.81 21.65
CA THR A 71 -5.28 5.48 21.81
C THR A 71 -4.25 4.51 22.37
N PHE A 72 -3.00 4.67 21.94
CA PHE A 72 -1.91 3.90 22.54
C PHE A 72 -0.60 4.65 22.30
N GLY A 73 0.50 4.02 22.71
CA GLY A 73 1.81 4.63 22.62
C GLY A 73 2.29 5.23 23.94
N SER A 74 3.29 6.10 23.83
CA SER A 74 3.90 6.68 25.01
C SER A 74 2.89 7.44 25.85
N THR A 75 1.87 8.04 25.22
CA THR A 75 0.84 8.74 25.97
C THR A 75 0.19 7.84 27.00
N VAL A 76 -0.02 6.56 26.65
CA VAL A 76 -0.62 5.61 27.57
C VAL A 76 0.41 4.99 28.48
N VAL A 77 1.61 4.71 27.96
CA VAL A 77 2.63 4.04 28.77
C VAL A 77 3.05 4.92 29.94
N TYR A 78 3.28 6.21 29.68
CA TYR A 78 3.70 7.12 30.74
C TYR A 78 2.52 7.79 31.43
N GLY A 79 1.39 7.96 30.74
CA GLY A 79 0.31 8.76 31.27
C GLY A 79 0.51 10.26 31.14
N VAL A 80 1.53 10.70 30.41
CA VAL A 80 1.76 12.11 30.15
C VAL A 80 2.15 12.26 28.68
N HIS A 81 1.98 13.47 28.16
CA HIS A 81 2.28 13.78 26.76
C HIS A 81 3.54 14.63 26.71
N GLU A 82 4.56 14.14 26.03
CA GLU A 82 5.83 14.84 25.94
C GLU A 82 5.87 15.72 24.70
N LYS A 83 6.39 16.93 24.85
CA LYS A 83 6.58 17.82 23.71
C LYS A 83 7.53 17.17 22.72
N GLY A 84 7.14 17.15 21.45
CA GLY A 84 7.95 16.52 20.42
C GLY A 84 7.63 15.06 20.20
N SER A 85 6.47 14.58 20.66
CA SER A 85 6.06 13.21 20.45
C SER A 85 4.70 13.18 19.74
N ASP A 86 4.50 12.17 18.91
CA ASP A 86 3.28 12.05 18.13
C ASP A 86 2.19 11.41 18.98
N VAL A 87 1.09 11.01 18.34
CA VAL A 87 0.05 10.22 19.00
C VAL A 87 -0.26 9.02 18.11
N ASP A 88 -0.55 7.88 18.75
CA ASP A 88 -0.80 6.63 18.05
C ASP A 88 -2.26 6.24 18.23
N PHE A 89 -2.98 6.11 17.11
CA PHE A 89 -4.39 5.77 17.09
C PHE A 89 -4.63 4.50 16.28
N VAL A 90 -5.67 3.76 16.67
CA VAL A 90 -6.12 2.59 15.92
C VAL A 90 -7.64 2.58 15.89
N VAL A 91 -8.20 2.11 14.77
CA VAL A 91 -9.64 2.01 14.57
C VAL A 91 -10.07 0.56 14.73
N LEU A 92 -11.16 0.33 15.45
CA LEU A 92 -11.60 -1.03 15.77
C LEU A 92 -13.12 -1.13 15.66
N ASN A 93 -13.60 -2.32 15.32
CA ASN A 93 -15.02 -2.64 15.28
C ASN A 93 -15.46 -3.25 16.61
N LYS A 94 -16.78 -3.41 16.75
CA LYS A 94 -17.33 -4.00 17.97
C LYS A 94 -16.81 -5.41 18.20
N THR A 95 -16.91 -6.26 17.17
CA THR A 95 -16.40 -7.63 17.28
C THR A 95 -14.91 -7.66 17.58
N ASP A 96 -14.15 -6.69 17.06
CA ASP A 96 -12.72 -6.64 17.37
C ASP A 96 -12.49 -6.41 18.86
N VAL A 97 -13.29 -5.54 19.48
CA VAL A 97 -13.11 -5.25 20.90
C VAL A 97 -13.61 -6.40 21.75
N GLU A 98 -14.69 -7.06 21.33
CA GLU A 98 -15.25 -8.14 22.13
C GLU A 98 -14.32 -9.34 22.22
N ASP A 99 -13.54 -9.59 21.17
CA ASP A 99 -12.52 -10.66 21.19
C ASP A 99 -11.26 -10.12 21.86
N GLY A 100 -11.34 -9.98 23.19
CA GLY A 100 -10.39 -9.17 23.92
C GLY A 100 -8.97 -9.70 23.93
N LYS A 101 -8.81 -11.02 23.79
CA LYS A 101 -7.48 -11.64 23.88
C LYS A 101 -7.09 -12.36 22.60
N GLY A 102 -7.74 -12.06 21.48
CA GLY A 102 -7.37 -12.68 20.22
C GLY A 102 -6.08 -12.13 19.65
N GLY A 103 -5.52 -12.87 18.70
CA GLY A 103 -4.30 -12.45 18.02
C GLY A 103 -4.57 -11.65 16.77
N ASP A 104 -3.49 -11.20 16.13
CA ASP A 104 -3.56 -10.42 14.90
C ASP A 104 -3.00 -11.25 13.74
N ALA A 105 -3.79 -11.35 12.67
CA ALA A 105 -3.42 -12.15 11.52
C ALA A 105 -2.30 -11.47 10.72
N ALA A 106 -1.55 -12.30 9.98
CA ALA A 106 -0.42 -11.84 9.18
C ALA A 106 -0.61 -12.11 7.69
N THR A 107 -1.82 -12.46 7.27
CA THR A 107 -2.11 -12.81 5.88
C THR A 107 -2.23 -11.56 5.00
N GLN A 108 -2.12 -11.79 3.69
CA GLN A 108 -2.27 -10.69 2.73
C GLN A 108 -3.70 -10.15 2.72
N VAL A 109 -4.69 -11.02 2.93
CA VAL A 109 -6.09 -10.57 2.95
C VAL A 109 -6.30 -9.50 4.02
N ALA A 110 -5.76 -9.74 5.22
CA ALA A 110 -5.91 -8.78 6.30
C ALA A 110 -5.29 -7.44 5.94
N LYS A 111 -4.08 -7.47 5.36
CA LYS A 111 -3.45 -6.22 4.97
C LYS A 111 -4.25 -5.54 3.86
N GLY A 112 -5.01 -6.31 3.08
CA GLY A 112 -5.86 -5.72 2.06
C GLY A 112 -7.02 -4.95 2.67
N LEU A 113 -7.77 -5.60 3.58
CA LEU A 113 -8.86 -4.88 4.24
C LEU A 113 -8.34 -3.63 4.94
N GLN A 114 -7.25 -3.77 5.68
CA GLN A 114 -6.69 -2.63 6.40
C GLN A 114 -6.36 -1.49 5.45
N ALA A 115 -5.66 -1.81 4.35
CA ALA A 115 -5.30 -0.78 3.39
C ALA A 115 -6.53 -0.10 2.81
N ASP A 116 -7.58 -0.86 2.54
CA ASP A 116 -8.76 -0.28 1.91
C ASP A 116 -9.44 0.72 2.84
N ILE A 117 -9.68 0.32 4.09
CA ILE A 117 -10.36 1.23 5.02
C ILE A 117 -9.49 2.44 5.32
N LEU A 118 -8.18 2.23 5.47
CA LEU A 118 -7.28 3.36 5.69
C LEU A 118 -7.26 4.31 4.50
N ALA A 119 -7.45 3.79 3.29
CA ALA A 119 -7.52 4.66 2.12
C ALA A 119 -8.75 5.56 2.19
N LYS A 120 -9.92 4.97 2.46
CA LYS A 120 -11.12 5.81 2.60
C LYS A 120 -10.92 6.88 3.68
N LEU A 121 -10.44 6.47 4.86
CA LEU A 121 -10.26 7.42 5.96
C LEU A 121 -9.31 8.54 5.55
N ALA A 122 -8.18 8.19 4.93
CA ALA A 122 -7.24 9.21 4.47
C ALA A 122 -7.94 10.19 3.54
N ARG A 123 -8.77 9.69 2.63
CA ARG A 123 -9.53 10.56 1.73
C ARG A 123 -10.32 11.59 2.52
N VAL A 124 -11.13 11.12 3.47
CA VAL A 124 -11.94 12.05 4.27
C VAL A 124 -11.05 13.07 4.99
N ILE A 125 -9.95 12.60 5.59
CA ILE A 125 -9.06 13.51 6.32
C ILE A 125 -8.58 14.62 5.40
N ARG A 126 -8.08 14.26 4.22
CA ARG A 126 -7.63 15.29 3.28
C ARG A 126 -8.77 16.23 2.92
N GLN A 127 -10.01 15.73 2.85
CA GLN A 127 -11.12 16.60 2.50
C GLN A 127 -11.41 17.63 3.59
N LYS A 128 -11.29 17.24 4.85
CA LYS A 128 -11.65 18.17 5.92
C LYS A 128 -10.52 19.09 6.37
N HIS A 129 -9.27 18.77 6.05
CA HIS A 129 -8.14 19.61 6.44
C HIS A 129 -7.19 19.70 5.24
N LEU A 130 -7.10 20.89 4.65
CA LEU A 130 -6.34 21.04 3.42
C LEU A 130 -4.86 21.31 3.67
N SER A 131 -4.53 21.91 4.82
CA SER A 131 -3.13 22.20 5.13
C SER A 131 -2.41 21.02 5.76
N TRP A 132 -3.13 19.95 6.12
CA TRP A 132 -2.50 18.79 6.71
C TRP A 132 -1.88 17.93 5.61
N ASN A 133 -0.77 17.27 5.94
CA ASN A 133 -0.13 16.31 5.04
C ASN A 133 -0.49 14.90 5.50
N VAL A 134 -1.06 14.12 4.59
CA VAL A 134 -1.58 12.78 4.89
C VAL A 134 -0.89 11.81 3.95
N GLU A 135 -0.08 10.92 4.51
CA GLU A 135 0.68 9.94 3.75
C GLU A 135 0.17 8.54 4.03
N GLU A 136 0.04 7.75 2.96
CA GLU A 136 -0.36 6.35 3.05
C GLU A 136 0.92 5.53 2.89
N VAL A 137 1.21 4.67 3.88
CA VAL A 137 2.46 3.92 3.92
C VAL A 137 2.20 2.46 3.57
N ARG A 138 2.93 1.97 2.57
CA ARG A 138 2.81 0.60 2.08
C ARG A 138 4.18 -0.06 2.10
N ARG A 139 4.23 -1.33 1.68
CA ARG A 139 5.47 -2.12 1.71
C ARG A 139 6.03 -2.27 3.12
N THR A 140 5.14 -2.40 4.10
CA THR A 140 5.55 -2.67 5.47
C THR A 140 4.67 -3.77 6.04
N ARG A 141 5.09 -4.28 7.20
CA ARG A 141 4.32 -5.36 7.83
C ARG A 141 2.97 -4.88 8.33
N VAL A 142 2.88 -3.61 8.72
CA VAL A 142 1.64 -3.05 9.27
C VAL A 142 1.27 -1.79 8.49
N PRO A 143 0.25 -1.82 7.64
CA PRO A 143 -0.17 -0.59 6.95
C PRO A 143 -0.56 0.49 7.94
N VAL A 144 -0.32 1.75 7.55
CA VAL A 144 -0.49 2.87 8.46
C VAL A 144 -0.64 4.14 7.64
N VAL A 145 -1.36 5.11 8.22
CA VAL A 145 -1.51 6.44 7.65
C VAL A 145 -0.85 7.42 8.60
N ARG A 146 0.07 8.23 8.06
CA ARG A 146 0.85 9.18 8.85
C ARG A 146 0.38 10.60 8.55
N VAL A 147 0.03 11.33 9.59
CA VAL A 147 -0.57 12.66 9.48
C VAL A 147 0.33 13.65 10.18
N LYS A 148 0.75 14.68 9.45
CA LYS A 148 1.59 15.76 9.97
C LYS A 148 0.92 17.09 9.69
N GLY A 149 0.98 17.99 10.65
CA GLY A 149 0.42 19.32 10.48
C GLY A 149 1.20 20.33 11.30
N GLY A 150 1.26 21.55 10.78
CA GLY A 150 2.05 22.60 11.40
C GLY A 150 1.84 22.71 12.89
N GLY A 151 2.91 22.93 13.63
CA GLY A 151 2.81 23.10 15.07
C GLY A 151 2.67 21.77 15.77
N ALA A 152 1.67 21.67 16.64
CA ALA A 152 1.51 20.50 17.51
C ALA A 152 0.38 19.60 16.99
N VAL A 153 0.69 18.91 15.90
CA VAL A 153 -0.24 17.93 15.32
C VAL A 153 0.57 16.89 14.55
N ASP A 154 0.69 15.69 15.11
CA ASP A 154 1.39 14.58 14.48
C ASP A 154 0.82 13.28 15.03
N PHE A 155 0.39 12.39 14.14
CA PHE A 155 -0.13 11.11 14.63
C PHE A 155 -0.15 10.07 13.52
N ASP A 156 -0.12 8.81 13.95
CA ASP A 156 -0.24 7.66 13.06
C ASP A 156 -1.55 6.93 13.34
N ILE A 157 -2.12 6.31 12.31
CA ILE A 157 -3.39 5.62 12.42
C ILE A 157 -3.28 4.25 11.78
N THR A 158 -3.76 3.22 12.49
CA THR A 158 -3.84 1.86 11.98
C THR A 158 -5.26 1.33 12.15
N ALA A 159 -5.47 0.06 11.78
CA ALA A 159 -6.81 -0.51 11.79
C ALA A 159 -6.77 -2.01 12.03
N TYR A 160 -7.75 -2.49 12.80
CA TYR A 160 -8.07 -3.92 12.92
C TYR A 160 -6.95 -4.69 13.62
N ARG A 161 -6.32 -4.09 14.63
CA ARG A 161 -5.24 -4.75 15.35
C ARG A 161 -5.31 -4.41 16.84
N ARG A 162 -4.95 -5.38 17.68
CA ARG A 162 -5.05 -5.24 19.13
C ARG A 162 -3.70 -5.21 19.85
N ASN A 163 -2.62 -5.70 19.21
CA ASN A 163 -1.39 -5.93 19.95
C ASN A 163 -0.80 -4.63 20.50
N GLY A 164 -0.90 -3.55 19.74
CA GLY A 164 -0.37 -2.27 20.22
C GLY A 164 -1.04 -1.81 21.50
N VAL A 165 -2.38 -1.75 21.50
CA VAL A 165 -3.12 -1.37 22.70
C VAL A 165 -2.73 -2.28 23.86
N ARG A 166 -2.55 -3.56 23.58
CA ARG A 166 -2.28 -4.54 24.63
C ARG A 166 -0.91 -4.30 25.28
N ASN A 167 0.17 -4.32 24.49
CA ASN A 167 1.49 -4.13 25.09
C ASN A 167 1.63 -2.75 25.70
N SER A 168 0.96 -1.74 25.13
CA SER A 168 0.95 -0.42 25.76
C SER A 168 0.33 -0.50 27.16
N ALA A 169 -0.79 -1.22 27.29
CA ALA A 169 -1.40 -1.39 28.60
C ALA A 169 -0.48 -2.14 29.56
N LEU A 170 0.20 -3.17 29.07
CA LEU A 170 1.14 -3.91 29.90
C LEU A 170 2.22 -2.99 30.47
N LEU A 171 2.89 -2.24 29.59
CA LEU A 171 3.92 -1.32 30.05
C LEU A 171 3.35 -0.29 31.02
N ARG A 172 2.15 0.22 30.74
CA ARG A 172 1.51 1.17 31.63
C ARG A 172 1.36 0.60 33.04
N ALA A 173 0.90 -0.65 33.14
CA ALA A 173 0.76 -1.27 34.46
C ALA A 173 2.11 -1.38 35.14
N TYR A 174 3.11 -1.91 34.43
CA TYR A 174 4.44 -2.04 35.01
C TYR A 174 4.91 -0.72 35.62
N PHE A 175 4.76 0.38 34.87
CA PHE A 175 5.21 1.66 35.39
C PHE A 175 4.31 2.19 36.50
N GLU A 176 3.04 1.80 36.53
CA GLU A 176 2.18 2.17 37.65
C GLU A 176 2.63 1.49 38.94
N GLN A 177 3.30 0.34 38.84
CA GLN A 177 3.85 -0.28 40.04
C GLN A 177 4.86 0.63 40.74
N ASN A 178 5.63 1.40 39.98
CA ASN A 178 6.72 2.21 40.52
C ASN A 178 6.86 3.48 39.70
N PRO A 179 6.05 4.50 39.99
CA PRO A 179 5.94 5.66 39.09
C PRO A 179 7.27 6.34 38.83
N PRO A 180 8.09 6.61 39.85
CA PRO A 180 9.33 7.36 39.59
C PRO A 180 10.22 6.76 38.52
N CYS A 181 10.21 5.43 38.38
CA CYS A 181 11.05 4.79 37.37
C CYS A 181 10.82 5.38 35.98
N ARG A 182 9.62 5.92 35.72
CA ARG A 182 9.36 6.58 34.45
C ARG A 182 10.52 7.47 34.04
N TRP A 183 10.99 8.32 34.97
CA TRP A 183 12.09 9.22 34.66
C TRP A 183 13.20 8.48 33.92
N LEU A 184 13.73 7.41 34.52
CA LEU A 184 14.76 6.61 33.88
C LEU A 184 14.42 6.37 32.41
N SER A 185 13.31 5.68 32.17
CA SER A 185 12.91 5.38 30.80
C SER A 185 13.01 6.63 29.92
N MET A 186 12.34 7.71 30.34
CA MET A 186 12.37 8.95 29.56
C MET A 186 13.79 9.28 29.14
N SER A 187 14.70 9.40 30.11
CA SER A 187 16.09 9.72 29.81
C SER A 187 16.59 8.87 28.66
N ILE A 188 16.54 7.55 28.83
CA ILE A 188 17.07 6.64 27.81
C ILE A 188 16.52 7.03 26.45
N LYS A 189 15.19 7.16 26.35
CA LYS A 189 14.58 7.47 25.07
C LYS A 189 15.25 8.68 24.45
N ARG A 190 15.30 9.79 25.19
CA ARG A 190 15.93 11.01 24.68
C ARG A 190 17.35 10.70 24.22
N TRP A 191 18.13 10.04 25.08
CA TRP A 191 19.50 9.68 24.74
C TRP A 191 19.53 8.89 23.44
N SER A 192 18.64 7.92 23.28
CA SER A 192 18.68 7.07 22.10
C SER A 192 18.46 7.88 20.82
N LYS A 193 17.74 9.00 20.92
CA LYS A 193 17.53 9.84 19.74
C LYS A 193 18.67 10.83 19.53
N GLN A 194 19.44 11.15 20.57
CA GLN A 194 20.57 12.05 20.44
C GLN A 194 21.82 11.36 19.91
N THR A 195 21.93 10.05 20.07
CA THR A 195 23.11 9.31 19.64
C THR A 195 22.95 8.64 18.29
N GLY A 196 21.74 8.60 17.74
CA GLY A 196 21.51 7.94 16.47
C GLY A 196 21.10 6.49 16.57
N LEU A 197 20.87 5.98 17.77
CA LEU A 197 20.46 4.59 17.95
C LEU A 197 18.99 4.37 17.59
N ASN A 198 18.15 5.36 17.86
CA ASN A 198 16.72 5.21 17.63
C ASN A 198 16.42 5.08 16.14
N ALA A 199 15.52 4.16 15.80
CA ALA A 199 15.16 3.89 14.42
C ALA A 199 14.49 5.08 13.74
N SER A 200 14.16 6.14 14.48
CA SER A 200 13.65 7.37 13.87
C SER A 200 14.75 8.18 13.20
N VAL A 201 16.01 7.82 13.39
CA VAL A 201 17.15 8.53 12.81
C VAL A 201 17.79 7.64 11.75
N ILE A 202 18.35 8.29 10.72
CA ILE A 202 19.06 7.57 9.67
C ILE A 202 20.21 6.79 10.31
N GLY A 203 20.18 5.47 10.19
CA GLY A 203 21.18 4.60 10.78
C GLY A 203 20.71 3.88 12.03
N GLY A 204 19.59 4.30 12.62
CA GLY A 204 19.11 3.66 13.82
C GLY A 204 18.60 2.25 13.57
N SER A 205 18.51 1.48 14.65
CA SER A 205 18.13 0.08 14.57
C SER A 205 17.07 -0.37 15.57
N ILE A 206 16.81 0.40 16.63
CA ILE A 206 15.89 -0.01 17.68
C ILE A 206 14.89 1.12 17.93
N THR A 207 13.60 0.78 17.91
CA THR A 207 12.55 1.74 18.18
C THR A 207 12.46 2.05 19.67
N SER A 208 11.70 3.10 19.99
CA SER A 208 11.46 3.44 21.38
C SER A 208 10.77 2.30 22.12
N TYR A 209 9.87 1.58 21.43
CA TYR A 209 9.22 0.43 22.01
C TYR A 209 10.24 -0.59 22.52
N GLY A 210 11.25 -0.89 21.71
CA GLY A 210 12.28 -1.82 22.13
C GLY A 210 13.03 -1.36 23.35
N PHE A 211 13.34 -0.05 23.41
CA PHE A 211 14.04 0.48 24.57
C PHE A 211 13.19 0.38 25.83
N ASN A 212 11.87 0.62 25.70
CA ASN A 212 10.98 0.38 26.84
C ASN A 212 11.07 -1.06 27.29
N LEU A 213 11.04 -2.00 26.35
CA LEU A 213 11.17 -3.41 26.71
C LEU A 213 12.46 -3.67 27.46
N MET A 214 13.57 -3.09 27.00
CA MET A 214 14.85 -3.26 27.69
C MET A 214 14.78 -2.71 29.12
N VAL A 215 14.22 -1.52 29.29
CA VAL A 215 14.15 -0.92 30.61
C VAL A 215 13.35 -1.81 31.56
N VAL A 216 12.19 -2.28 31.10
CA VAL A 216 11.36 -3.12 31.96
C VAL A 216 12.09 -4.43 32.29
N TYR A 217 12.80 -4.99 31.33
CA TYR A 217 13.55 -6.23 31.59
C TYR A 217 14.60 -6.01 32.67
N TYR A 218 15.41 -4.96 32.52
CA TYR A 218 16.42 -4.65 33.52
C TYR A 218 15.79 -4.47 34.90
N LEU A 219 14.75 -3.63 34.99
CA LEU A 219 14.07 -3.46 36.27
C LEU A 219 13.54 -4.78 36.79
N LEU A 220 13.20 -5.71 35.91
CA LEU A 220 12.63 -6.98 36.36
C LEU A 220 13.70 -7.86 36.98
N GLN A 221 14.90 -7.88 36.39
CA GLN A 221 15.96 -8.71 36.91
C GLN A 221 16.44 -8.24 38.29
N ARG A 222 16.33 -6.94 38.57
CA ARG A 222 16.75 -6.39 39.85
C ARG A 222 15.68 -6.47 40.91
N ASN A 223 14.54 -7.12 40.62
CA ASN A 223 13.48 -7.34 41.59
C ASN A 223 12.90 -6.03 42.11
N HIS A 224 12.99 -4.97 41.31
CA HIS A 224 12.31 -3.71 41.62
C HIS A 224 10.89 -3.68 41.08
N LEU A 225 10.49 -4.71 40.32
CA LEU A 225 9.13 -4.88 39.86
C LEU A 225 8.74 -6.34 40.07
N GLN A 226 7.44 -6.62 39.94
CA GLN A 226 6.92 -7.98 40.06
C GLN A 226 6.30 -8.41 38.74
N PHE A 227 6.53 -9.68 38.39
CA PHE A 227 6.19 -10.16 37.07
C PHE A 227 4.67 -10.12 36.85
N VAL A 228 4.28 -9.81 35.61
CA VAL A 228 2.90 -9.74 35.21
C VAL A 228 2.76 -10.57 33.94
N PRO A 229 1.99 -11.66 33.94
CA PRO A 229 1.85 -12.46 32.72
C PRO A 229 1.14 -11.66 31.63
N PRO A 230 1.69 -11.63 30.41
CA PRO A 230 1.00 -10.90 29.33
C PRO A 230 -0.42 -11.38 29.05
N SER A 231 -0.73 -12.65 29.32
CA SER A 231 -2.06 -13.15 29.02
C SER A 231 -3.14 -12.61 29.97
N THR A 232 -2.85 -11.70 30.90
CA THR A 232 -3.85 -11.17 31.80
C THR A 232 -4.46 -9.87 31.31
N ILE A 233 -3.85 -9.24 30.30
CA ILE A 233 -4.38 -7.99 29.74
C ILE A 233 -5.55 -8.31 28.84
N ASP A 234 -6.67 -7.61 29.08
CA ASP A 234 -7.91 -7.83 28.34
C ASP A 234 -8.28 -6.52 27.65
N VAL A 235 -8.30 -6.55 26.31
CA VAL A 235 -8.62 -5.35 25.54
C VAL A 235 -10.05 -4.88 25.77
N SER A 236 -10.94 -5.78 26.17
CA SER A 236 -12.34 -5.41 26.40
C SER A 236 -12.55 -4.70 27.73
N ARG A 237 -11.48 -4.38 28.46
CA ARG A 237 -11.58 -3.76 29.78
C ARG A 237 -10.70 -2.52 29.93
N VAL A 238 -10.17 -1.99 28.82
CA VAL A 238 -9.27 -0.84 28.85
C VAL A 238 -10.03 0.39 28.37
N GLU A 239 -9.57 1.56 28.81
CA GLU A 239 -10.19 2.83 28.42
C GLU A 239 -9.65 3.27 27.06
N PRO A 240 -10.52 3.72 26.14
CA PRO A 240 -10.01 4.24 24.86
C PRO A 240 -9.06 5.41 25.05
N LEU A 241 -9.29 6.24 26.06
CA LEU A 241 -8.42 7.37 26.40
C LEU A 241 -8.17 7.30 27.89
N PRO A 242 -7.13 6.58 28.32
CA PRO A 242 -6.89 6.40 29.75
C PRO A 242 -6.62 7.73 30.44
N PRO A 243 -6.73 7.78 31.78
CA PRO A 243 -6.52 9.06 32.48
C PRO A 243 -5.07 9.50 32.53
N HIS A 244 -4.84 10.67 33.14
CA HIS A 244 -3.51 11.25 33.28
C HIS A 244 -2.87 10.79 34.59
N LEU A 245 -1.56 10.62 34.56
CA LEU A 245 -0.80 10.19 35.73
C LEU A 245 0.21 11.27 36.13
N PRO A 246 0.07 11.92 37.29
CA PRO A 246 0.98 13.03 37.62
C PRO A 246 2.43 12.58 37.75
N LEU A 247 3.34 13.49 37.43
CA LEU A 247 4.78 13.28 37.56
C LEU A 247 5.32 14.17 38.67
N GLU A 248 5.92 13.56 39.69
CA GLU A 248 6.51 14.27 40.81
C GLU A 248 8.02 14.39 40.61
N GLU A 249 8.54 15.61 40.75
CA GLU A 249 9.99 15.79 40.65
C GLU A 249 10.68 15.07 41.80
N PRO A 250 11.90 14.57 41.59
CA PRO A 250 12.63 13.92 42.69
C PRO A 250 12.90 14.91 43.82
N ALA A 251 12.79 14.42 45.06
CA ALA A 251 13.04 15.24 46.23
C ALA A 251 14.46 15.11 46.75
N ASP A 252 15.19 14.09 46.33
CA ASP A 252 16.57 13.86 46.78
C ASP A 252 17.60 14.45 45.83
N GLU A 253 17.20 15.34 44.93
CA GLU A 253 18.07 16.01 43.96
C GLU A 253 18.61 15.07 42.88
N GLY A 254 18.13 13.83 42.81
CA GLY A 254 18.46 12.94 41.73
C GLY A 254 19.41 11.80 42.05
N LEU A 255 19.67 11.51 43.32
CA LEU A 255 20.60 10.44 43.67
C LEU A 255 20.12 9.10 43.12
N GLU A 256 18.88 8.73 43.45
CA GLU A 256 18.32 7.47 42.95
C GLU A 256 18.38 7.39 41.44
N LEU A 257 18.08 8.50 40.75
CA LEU A 257 18.10 8.50 39.29
C LEU A 257 19.48 8.15 38.75
N GLY A 258 20.51 8.85 39.23
CA GLY A 258 21.86 8.56 38.76
C GLY A 258 22.29 7.13 39.06
N THR A 259 22.03 6.67 40.28
CA THR A 259 22.32 5.28 40.62
C THR A 259 21.66 4.33 39.62
N GLN A 260 20.39 4.57 39.31
CA GLN A 260 19.67 3.69 38.39
C GLN A 260 20.28 3.72 37.00
N VAL A 261 20.66 4.91 36.51
CA VAL A 261 21.24 5.02 35.17
C VAL A 261 22.55 4.23 35.10
N LEU A 262 23.46 4.50 36.03
CA LEU A 262 24.75 3.80 36.02
C LEU A 262 24.56 2.29 36.15
N ASP A 263 23.69 1.85 37.05
CA ASP A 263 23.49 0.41 37.21
C ASP A 263 22.91 -0.20 35.94
N PHE A 264 22.02 0.52 35.27
CA PHE A 264 21.47 0.06 33.99
C PHE A 264 22.59 -0.16 32.98
N LEU A 265 23.42 0.87 32.76
CA LEU A 265 24.51 0.74 31.80
C LEU A 265 25.42 -0.43 32.14
N HIS A 266 25.82 -0.54 33.41
CA HIS A 266 26.65 -1.67 33.83
C HIS A 266 25.97 -3.00 33.50
N PHE A 267 24.68 -3.11 33.79
CA PHE A 267 23.98 -4.36 33.55
C PHE A 267 24.03 -4.74 32.08
N PHE A 268 23.71 -3.81 31.18
CA PHE A 268 23.71 -4.16 29.77
C PHE A 268 25.11 -4.15 29.15
N LEU A 269 26.15 -3.84 29.92
CA LEU A 269 27.52 -3.94 29.42
C LEU A 269 28.25 -5.20 29.87
N HIS A 270 28.03 -5.64 31.12
CA HIS A 270 28.83 -6.73 31.69
C HIS A 270 28.02 -7.90 32.22
N GLU A 271 26.69 -7.78 32.31
CA GLU A 271 25.86 -8.84 32.86
C GLU A 271 25.02 -9.55 31.82
N PHE A 272 24.36 -8.82 30.92
CA PHE A 272 23.59 -9.45 29.85
C PHE A 272 24.52 -10.03 28.79
N ASP A 273 24.30 -11.30 28.46
CA ASP A 273 25.12 -12.02 27.48
C ASP A 273 24.35 -12.07 26.16
N SER A 274 24.73 -11.20 25.23
CA SER A 274 24.02 -11.10 23.95
C SER A 274 24.25 -12.30 23.04
N ASP A 275 25.20 -13.17 23.36
CA ASP A 275 25.45 -14.37 22.56
C ASP A 275 24.62 -15.56 22.99
N LYS A 276 23.91 -15.49 24.12
CA LYS A 276 23.21 -16.64 24.68
C LYS A 276 21.77 -16.31 25.08
N GLN A 277 21.53 -15.08 25.51
CA GLN A 277 20.31 -14.72 26.20
C GLN A 277 19.41 -13.87 25.31
N VAL A 278 18.13 -13.79 25.69
CA VAL A 278 17.12 -13.04 24.97
C VAL A 278 16.38 -12.14 25.96
N ILE A 279 16.20 -10.87 25.59
CA ILE A 279 15.44 -9.92 26.38
C ILE A 279 13.95 -10.23 26.16
N SER A 280 13.27 -10.67 27.20
CA SER A 280 11.89 -11.13 27.06
C SER A 280 11.10 -10.79 28.31
N LEU A 281 9.82 -10.43 28.12
CA LEU A 281 8.88 -10.26 29.21
C LEU A 281 7.86 -11.38 29.28
N ASN A 282 8.06 -12.46 28.51
CA ASN A 282 7.13 -13.58 28.52
C ASN A 282 7.34 -14.50 29.71
N ARG A 283 8.46 -14.37 30.43
CA ARG A 283 8.86 -15.32 31.45
CA ARG A 283 8.83 -15.31 31.46
C ARG A 283 9.72 -14.60 32.48
N PRO A 284 9.68 -15.02 33.75
CA PRO A 284 10.71 -14.55 34.69
C PRO A 284 11.98 -15.38 34.54
N GLY A 285 13.11 -14.75 34.82
CA GLY A 285 14.37 -15.44 34.69
C GLY A 285 15.05 -15.25 33.36
N ILE A 286 15.71 -16.31 32.86
CA ILE A 286 16.53 -16.24 31.65
C ILE A 286 15.86 -17.02 30.54
N THR A 287 15.83 -16.43 29.35
CA THR A 287 15.40 -17.10 28.12
C THR A 287 16.60 -17.22 27.19
N THR A 288 16.86 -18.43 26.70
CA THR A 288 18.03 -18.70 25.87
C THR A 288 17.65 -18.69 24.39
N LYS A 289 18.62 -18.30 23.55
CA LYS A 289 18.40 -18.37 22.10
C LYS A 289 18.13 -19.80 21.64
N GLU A 290 18.75 -20.78 22.31
CA GLU A 290 18.62 -22.17 21.86
C GLU A 290 17.17 -22.61 21.87
N GLU A 291 16.44 -22.33 22.96
CA GLU A 291 15.08 -22.80 23.09
C GLU A 291 14.11 -22.10 22.12
N LEU A 292 14.55 -21.02 21.47
CA LEU A 292 13.74 -20.35 20.45
C LEU A 292 14.23 -20.65 19.03
N ASP A 293 15.33 -21.38 18.88
CA ASP A 293 15.92 -21.65 17.56
C ASP A 293 16.31 -20.35 16.86
N TRP A 294 16.77 -19.37 17.62
CA TRP A 294 17.28 -18.12 17.05
C TRP A 294 18.80 -18.19 16.91
N THR A 295 19.22 -19.03 15.98
CA THR A 295 20.61 -19.39 15.75
C THR A 295 21.01 -18.99 14.33
N LYS A 296 22.32 -19.11 14.04
CA LYS A 296 22.81 -18.76 12.71
C LYS A 296 22.22 -19.63 11.63
N SER A 297 22.02 -20.92 11.91
CA SER A 297 21.33 -21.78 10.95
C SER A 297 19.96 -21.20 10.58
N ALA A 298 19.31 -20.53 11.54
CA ALA A 298 17.99 -19.94 11.30
C ALA A 298 18.05 -18.66 10.48
N GLU A 299 19.14 -17.90 10.57
CA GLU A 299 19.25 -16.66 9.79
C GLU A 299 19.19 -16.92 8.29
N ASP A 300 19.78 -18.03 7.82
CA ASP A 300 19.80 -18.28 6.38
C ASP A 300 18.39 -18.46 5.82
N PHE A 301 17.55 -19.23 6.52
CA PHE A 301 16.19 -19.50 6.04
C PHE A 301 15.25 -18.31 6.22
N ALA A 302 15.42 -17.53 7.28
CA ALA A 302 14.53 -16.41 7.54
C ALA A 302 14.60 -15.39 6.40
N ARG A 303 13.51 -14.64 6.22
CA ARG A 303 13.43 -13.63 5.17
C ARG A 303 12.21 -12.74 5.37
N MET A 304 12.37 -11.63 6.09
CA MET A 304 11.28 -10.70 6.37
C MET A 304 11.15 -9.68 5.25
N ASN A 305 9.90 -9.38 4.87
CA ASN A 305 9.60 -8.34 3.89
C ASN A 305 10.49 -8.42 2.64
N GLY A 306 11.12 -9.57 2.42
CA GLY A 306 12.10 -9.75 1.37
C GLY A 306 13.53 -9.59 1.84
N GLU A 307 13.74 -8.90 2.96
CA GLU A 307 15.05 -8.76 3.57
C GLU A 307 15.26 -9.92 4.55
N LYS A 308 16.37 -9.89 5.27
CA LYS A 308 16.72 -10.96 6.19
C LYS A 308 16.78 -10.45 7.63
N VAL A 309 16.51 -11.36 8.55
CA VAL A 309 16.47 -11.05 9.98
C VAL A 309 17.80 -11.46 10.60
N HIS A 310 18.18 -10.73 11.65
CA HIS A 310 19.41 -10.96 12.38
C HIS A 310 19.08 -11.41 13.80
N TYR A 311 19.99 -12.17 14.40
CA TYR A 311 19.84 -12.63 15.78
C TYR A 311 21.09 -12.29 16.59
N GLN A 312 21.62 -11.08 16.41
CA GLN A 312 22.76 -10.61 17.20
C GLN A 312 22.32 -9.92 18.49
N TRP A 313 21.21 -9.18 18.44
CA TRP A 313 20.61 -8.53 19.62
C TRP A 313 19.14 -8.92 19.60
N CYS A 314 18.77 -9.87 20.46
CA CYS A 314 17.46 -10.51 20.40
C CYS A 314 16.50 -9.92 21.42
N ILE A 315 15.32 -9.52 20.95
CA ILE A 315 14.27 -8.96 21.79
C ILE A 315 12.96 -9.63 21.38
N GLU A 316 12.46 -10.53 22.23
CA GLU A 316 11.23 -11.25 21.91
C GLU A 316 10.02 -10.34 22.09
N ASP A 317 9.02 -10.46 21.14
CA ASP A 317 7.81 -9.69 21.29
C ASP A 317 6.79 -10.44 22.17
N PRO A 318 6.04 -9.76 23.03
CA PRO A 318 5.16 -10.49 23.95
C PRO A 318 3.95 -11.13 23.28
N TYR A 319 3.51 -10.65 22.12
CA TYR A 319 2.27 -11.11 21.51
C TYR A 319 2.44 -11.60 20.08
N GLU A 320 3.27 -10.94 19.26
CA GLU A 320 3.47 -11.40 17.90
C GLU A 320 4.18 -12.76 17.89
N LEU A 321 4.03 -13.48 16.78
CA LEU A 321 4.52 -14.84 16.65
C LEU A 321 5.91 -14.86 16.01
N ASN A 322 6.91 -15.29 16.78
CA ASN A 322 8.26 -15.49 16.27
C ASN A 322 8.82 -14.21 15.64
N LEU A 323 8.79 -13.13 16.41
CA LEU A 323 9.20 -11.82 15.94
C LEU A 323 10.27 -11.26 16.87
N ASN A 324 11.45 -10.98 16.31
CA ASN A 324 12.54 -10.36 17.05
C ASN A 324 12.50 -8.85 16.82
N VAL A 325 12.32 -8.09 17.91
CA VAL A 325 12.24 -6.64 17.78
C VAL A 325 13.62 -6.04 17.44
N GLY A 326 14.69 -6.78 17.66
CA GLY A 326 16.02 -6.34 17.29
C GLY A 326 16.48 -7.01 16.00
N ARG A 327 15.52 -7.32 15.13
CA ARG A 327 15.82 -8.02 13.89
C ARG A 327 16.69 -7.22 12.93
N ASN A 328 16.78 -5.89 13.09
CA ASN A 328 17.54 -5.04 12.20
C ASN A 328 18.93 -4.68 12.75
N VAL A 329 19.34 -5.28 13.87
CA VAL A 329 20.63 -4.97 14.47
C VAL A 329 21.68 -5.89 13.86
N THR A 330 22.51 -5.31 12.99
CA THR A 330 23.64 -6.02 12.39
C THR A 330 24.80 -6.08 13.38
N PRO A 331 25.83 -6.86 13.07
CA PRO A 331 27.04 -6.83 13.93
C PRO A 331 27.61 -5.43 14.07
N LEU A 332 27.52 -4.62 13.02
CA LEU A 332 28.00 -3.24 13.07
C LEU A 332 27.21 -2.43 14.09
N LYS A 333 25.88 -2.42 13.96
CA LYS A 333 25.05 -1.67 14.87
C LYS A 333 25.16 -2.23 16.29
N ARG A 334 25.50 -3.51 16.42
CA ARG A 334 25.80 -4.08 17.73
CA ARG A 334 25.81 -4.07 17.73
C ARG A 334 27.03 -3.40 18.33
N ASP A 335 28.13 -3.38 17.58
CA ASP A 335 29.35 -2.71 18.05
CA ASP A 335 29.34 -2.72 18.05
C ASP A 335 29.06 -1.26 18.43
N PHE A 336 28.38 -0.53 17.54
CA PHE A 336 27.99 0.84 17.86
C PHE A 336 27.27 0.91 19.21
N LEU A 337 26.25 0.08 19.38
CA LEU A 337 25.49 0.07 20.62
C LEU A 337 26.42 -0.07 21.82
N ARG A 338 27.36 -1.03 21.76
CA ARG A 338 28.29 -1.21 22.86
CA ARG A 338 28.29 -1.21 22.87
C ARG A 338 29.08 0.07 23.12
N ARG A 339 29.63 0.67 22.06
CA ARG A 339 30.44 1.88 22.22
C ARG A 339 29.64 2.97 22.92
N HIS A 340 28.40 3.21 22.47
CA HIS A 340 27.60 4.27 23.07
C HIS A 340 27.27 3.97 24.53
N LEU A 341 26.95 2.70 24.84
CA LEU A 341 26.75 2.33 26.23
C LEU A 341 27.98 2.66 27.07
N GLU A 342 29.17 2.42 26.52
CA GLU A 342 30.40 2.72 27.27
C GLU A 342 30.58 4.21 27.47
N LYS A 343 30.39 5.01 26.42
CA LYS A 343 30.59 6.44 26.52
C LYS A 343 29.57 7.12 27.41
N ALA A 344 28.36 6.55 27.53
CA ALA A 344 27.28 7.22 28.24
C ALA A 344 27.58 7.44 29.71
N ARG A 345 28.28 6.50 30.36
CA ARG A 345 28.46 6.58 31.80
C ARG A 345 29.36 7.75 32.20
N ASP A 346 30.18 8.28 31.30
CA ASP A 346 31.07 9.37 31.65
C ASP A 346 30.47 10.73 31.34
N THR A 347 29.55 10.82 30.39
CA THR A 347 28.90 12.07 30.02
C THR A 347 27.51 12.22 30.62
N ALA A 348 27.05 11.25 31.41
CA ALA A 348 25.71 11.26 31.99
C ALA A 348 24.64 11.41 30.90
N LEU A 349 24.65 10.47 29.97
CA LEU A 349 23.69 10.45 28.87
C LEU A 349 23.73 11.75 28.06
N LEU A 350 24.94 12.25 27.83
CA LEU A 350 25.17 13.44 27.01
C LEU A 350 24.52 14.67 27.63
N THR A 351 24.77 14.86 28.93
CA THR A 351 24.29 16.02 29.66
C THR A 351 25.40 16.90 30.22
N ILE A 352 26.57 16.33 30.52
CA ILE A 352 27.69 17.10 31.04
C ILE A 352 28.20 18.04 29.96
N PRO B 22 -23.12 26.24 -21.43
CA PRO B 22 -22.93 25.20 -20.40
C PRO B 22 -24.18 24.35 -20.19
N PRO B 23 -24.39 23.36 -21.04
CA PRO B 23 -25.60 22.53 -20.91
C PRO B 23 -25.68 21.85 -19.56
N SER B 24 -26.90 21.54 -19.15
CA SER B 24 -27.16 20.84 -17.90
C SER B 24 -27.03 19.34 -18.10
N PRO B 25 -26.92 18.57 -17.01
CA PRO B 25 -26.84 17.10 -17.16
C PRO B 25 -27.99 16.52 -17.96
N ALA B 26 -29.20 17.07 -17.83
CA ALA B 26 -30.35 16.52 -18.54
C ALA B 26 -30.19 16.68 -20.05
N VAL B 27 -29.74 17.86 -20.50
CA VAL B 27 -29.58 18.09 -21.94
C VAL B 27 -28.49 17.19 -22.50
N VAL B 28 -27.35 17.10 -21.81
CA VAL B 28 -26.29 16.20 -22.23
C VAL B 28 -26.82 14.78 -22.34
N GLY B 29 -27.59 14.35 -21.34
CA GLY B 29 -28.16 13.02 -21.38
C GLY B 29 -29.05 12.80 -22.60
N ARG B 30 -29.97 13.75 -22.85
CA ARG B 30 -30.86 13.61 -24.00
C ARG B 30 -30.06 13.53 -25.30
N SER B 31 -29.03 14.37 -25.44
CA SER B 31 -28.20 14.32 -26.64
C SER B 31 -27.53 12.96 -26.78
N LEU B 32 -26.95 12.45 -25.69
CA LEU B 32 -26.24 11.18 -25.76
C LEU B 32 -27.18 10.04 -26.12
N VAL B 33 -28.28 9.90 -25.39
CA VAL B 33 -29.25 8.85 -25.70
C VAL B 33 -29.73 8.99 -27.14
N ASN B 34 -29.93 10.22 -27.59
CA ASN B 34 -30.35 10.45 -28.97
C ASN B 34 -29.28 9.97 -29.95
N SER B 35 -28.01 10.04 -29.57
CA SER B 35 -26.93 9.62 -30.46
C SER B 35 -26.73 8.11 -30.47
N PHE B 36 -27.19 7.39 -29.46
CA PHE B 36 -27.04 5.94 -29.40
C PHE B 36 -28.24 5.20 -29.99
N LYS B 37 -29.21 5.92 -30.53
CA LYS B 37 -30.41 5.33 -31.11
C LYS B 37 -30.07 4.41 -32.27
N VAL B 49 -21.01 -13.11 -33.13
CA VAL B 49 -19.63 -13.19 -32.68
C VAL B 49 -19.21 -14.65 -32.55
N ASP B 50 -20.20 -15.52 -32.36
CA ASP B 50 -19.92 -16.96 -32.23
C ASP B 50 -19.39 -17.54 -33.54
N ALA B 51 -20.00 -17.15 -34.67
CA ALA B 51 -19.62 -17.71 -35.96
C ALA B 51 -18.15 -17.44 -36.25
N THR B 52 -17.67 -16.23 -35.96
CA THR B 52 -16.26 -15.93 -36.14
C THR B 52 -15.40 -16.82 -35.25
N TYR B 53 -15.81 -17.02 -33.99
CA TYR B 53 -15.05 -17.88 -33.09
C TYR B 53 -14.90 -19.29 -33.64
N ARG B 54 -16.00 -19.89 -34.10
CA ARG B 54 -15.92 -21.23 -34.65
C ARG B 54 -15.09 -21.25 -35.93
N LEU B 55 -15.31 -20.26 -36.80
CA LEU B 55 -14.58 -20.20 -38.07
C LEU B 55 -13.08 -20.17 -37.83
N VAL B 56 -12.62 -19.35 -36.88
CA VAL B 56 -11.20 -19.32 -36.54
C VAL B 56 -10.77 -20.63 -35.90
N LEU B 57 -11.62 -21.18 -35.02
CA LEU B 57 -11.27 -22.42 -34.33
C LEU B 57 -10.97 -23.55 -35.31
N ASP B 58 -11.69 -23.59 -36.43
CA ASP B 58 -11.40 -24.60 -37.44
C ASP B 58 -9.97 -24.48 -37.95
N CYS B 59 -9.54 -23.27 -38.30
CA CYS B 59 -8.17 -23.07 -38.75
C CYS B 59 -7.18 -23.47 -37.67
N VAL B 60 -7.40 -22.99 -36.44
CA VAL B 60 -6.51 -23.35 -35.33
C VAL B 60 -6.34 -24.86 -35.26
N ALA B 61 -7.46 -25.59 -35.33
CA ALA B 61 -7.38 -27.04 -35.28
C ALA B 61 -6.61 -27.59 -36.48
N ALA B 62 -6.78 -26.97 -37.65
CA ALA B 62 -6.04 -27.41 -38.83
C ALA B 62 -4.54 -27.28 -38.59
N VAL B 63 -4.11 -26.26 -37.85
CA VAL B 63 -2.69 -26.14 -37.51
C VAL B 63 -2.33 -27.15 -36.44
N ASP B 64 -3.14 -27.22 -35.37
CA ASP B 64 -2.88 -28.11 -34.26
C ASP B 64 -4.20 -28.36 -33.52
N PRO B 65 -4.65 -29.62 -33.42
CA PRO B 65 -5.95 -29.87 -32.78
C PRO B 65 -5.93 -29.77 -31.26
N LEU B 66 -4.76 -29.71 -30.64
CA LEU B 66 -4.64 -29.63 -29.19
C LEU B 66 -4.51 -28.20 -28.68
N MET B 67 -4.36 -27.22 -29.56
CA MET B 67 -4.25 -25.83 -29.13
C MET B 67 -5.61 -25.30 -28.70
N ARG B 68 -5.59 -24.34 -27.77
CA ARG B 68 -6.81 -23.73 -27.26
C ARG B 68 -6.91 -22.29 -27.72
N LEU B 69 -8.14 -21.83 -27.91
CA LEU B 69 -8.44 -20.49 -28.40
C LEU B 69 -9.18 -19.73 -27.31
N TYR B 70 -8.74 -18.51 -27.02
CA TYR B 70 -9.33 -17.69 -25.97
C TYR B 70 -9.67 -16.31 -26.50
N THR B 71 -10.77 -15.76 -26.01
CA THR B 71 -11.29 -14.46 -26.41
C THR B 71 -11.03 -13.42 -25.31
N PHE B 72 -10.78 -12.19 -25.72
CA PHE B 72 -10.70 -11.07 -24.78
C PHE B 72 -11.03 -9.78 -25.52
N GLY B 73 -10.90 -8.66 -24.81
CA GLY B 73 -11.20 -7.35 -25.35
C GLY B 73 -12.56 -6.83 -24.92
N SER B 74 -13.03 -5.82 -25.65
CA SER B 74 -14.27 -5.15 -25.29
C SER B 74 -15.46 -6.11 -25.27
N THR B 75 -15.43 -7.14 -26.12
CA THR B 75 -16.50 -8.14 -26.11
C THR B 75 -16.62 -8.77 -24.72
N VAL B 76 -15.50 -8.99 -24.04
CA VAL B 76 -15.52 -9.58 -22.71
C VAL B 76 -15.74 -8.52 -21.63
N VAL B 77 -15.15 -7.34 -21.80
CA VAL B 77 -15.27 -6.30 -20.78
C VAL B 77 -16.72 -5.87 -20.63
N TYR B 78 -17.40 -5.65 -21.76
CA TYR B 78 -18.79 -5.22 -21.72
C TYR B 78 -19.77 -6.40 -21.77
N GLY B 79 -19.35 -7.52 -22.35
CA GLY B 79 -20.26 -8.61 -22.60
C GLY B 79 -21.17 -8.40 -23.80
N VAL B 80 -20.91 -7.37 -24.60
CA VAL B 80 -21.66 -7.10 -25.81
C VAL B 80 -20.69 -6.70 -26.91
N HIS B 81 -21.14 -6.85 -28.15
CA HIS B 81 -20.34 -6.49 -29.32
C HIS B 81 -20.94 -5.26 -29.98
N GLU B 82 -20.17 -4.19 -30.07
CA GLU B 82 -20.61 -2.95 -30.68
C GLU B 82 -20.16 -2.92 -32.14
N LYS B 83 -21.04 -2.44 -33.01
CA LYS B 83 -20.71 -2.34 -34.43
C LYS B 83 -19.50 -1.43 -34.63
N GLY B 84 -18.55 -1.91 -35.44
CA GLY B 84 -17.32 -1.17 -35.69
C GLY B 84 -16.17 -1.51 -34.77
N SER B 85 -16.24 -2.64 -34.07
CA SER B 85 -15.15 -3.09 -33.21
C SER B 85 -14.74 -4.51 -33.61
N ASP B 86 -13.45 -4.80 -33.48
CA ASP B 86 -12.91 -6.09 -33.86
C ASP B 86 -13.10 -7.09 -32.73
N VAL B 87 -12.45 -8.25 -32.83
CA VAL B 87 -12.41 -9.26 -31.77
C VAL B 87 -10.96 -9.64 -31.54
N ASP B 88 -10.62 -9.90 -30.27
CA ASP B 88 -9.25 -10.18 -29.86
C ASP B 88 -9.15 -11.64 -29.42
N PHE B 89 -8.25 -12.38 -30.08
CA PHE B 89 -8.05 -13.81 -29.85
C PHE B 89 -6.60 -14.08 -29.43
N VAL B 90 -6.42 -15.14 -28.64
CA VAL B 90 -5.09 -15.61 -28.27
C VAL B 90 -5.09 -17.14 -28.27
N VAL B 91 -3.96 -17.72 -28.67
CA VAL B 91 -3.80 -19.17 -28.70
C VAL B 91 -2.95 -19.59 -27.50
N LEU B 92 -3.38 -20.65 -26.81
CA LEU B 92 -2.74 -21.06 -25.56
C LEU B 92 -2.63 -22.57 -25.49
N ASN B 93 -1.60 -23.02 -24.75
CA ASN B 93 -1.37 -24.44 -24.47
C ASN B 93 -2.00 -24.84 -23.14
N LYS B 94 -2.02 -26.15 -22.90
CA LYS B 94 -2.57 -26.68 -21.65
C LYS B 94 -1.74 -26.21 -20.46
N THR B 95 -0.41 -26.41 -20.53
CA THR B 95 0.45 -25.98 -19.45
C THR B 95 0.36 -24.49 -19.21
N ASP B 96 0.13 -23.71 -20.26
CA ASP B 96 -0.05 -22.27 -20.09
C ASP B 96 -1.30 -21.96 -19.27
N VAL B 97 -2.38 -22.70 -19.50
CA VAL B 97 -3.62 -22.46 -18.76
C VAL B 97 -3.48 -22.92 -17.32
N GLU B 98 -2.79 -24.04 -17.09
CA GLU B 98 -2.66 -24.56 -15.73
C GLU B 98 -1.78 -23.65 -14.88
N ASP B 99 -0.78 -22.99 -15.48
CA ASP B 99 0.02 -21.99 -14.78
C ASP B 99 -0.76 -20.67 -14.80
N GLY B 100 -1.83 -20.65 -13.99
CA GLY B 100 -2.87 -19.66 -14.16
C GLY B 100 -2.45 -18.23 -13.82
N LYS B 101 -1.47 -18.07 -12.94
CA LYS B 101 -1.10 -16.74 -12.46
C LYS B 101 0.34 -16.39 -12.79
N GLY B 102 0.96 -17.09 -13.73
CA GLY B 102 2.31 -16.76 -14.13
C GLY B 102 2.37 -15.51 -14.99
N GLY B 103 3.58 -14.97 -15.13
CA GLY B 103 3.80 -13.79 -15.93
C GLY B 103 4.14 -14.13 -17.38
N ASP B 104 4.32 -13.08 -18.16
CA ASP B 104 4.67 -13.20 -19.57
C ASP B 104 6.11 -12.74 -19.77
N ALA B 105 6.91 -13.58 -20.43
CA ALA B 105 8.33 -13.28 -20.62
C ALA B 105 8.51 -12.14 -21.61
N ALA B 106 9.64 -11.44 -21.47
CA ALA B 106 9.95 -10.30 -22.32
C ALA B 106 11.23 -10.50 -23.14
N THR B 107 11.79 -11.71 -23.15
CA THR B 107 13.02 -11.95 -23.89
C THR B 107 12.73 -12.10 -25.38
N GLN B 108 13.76 -11.87 -26.20
CA GLN B 108 13.62 -12.02 -27.64
C GLN B 108 13.41 -13.48 -28.04
N VAL B 109 14.06 -14.40 -27.32
CA VAL B 109 13.90 -15.83 -27.61
C VAL B 109 12.44 -16.20 -27.56
N ALA B 110 11.71 -15.71 -26.54
CA ALA B 110 10.28 -15.95 -26.44
C ALA B 110 9.54 -15.29 -27.61
N LYS B 111 9.96 -14.09 -28.01
CA LYS B 111 9.30 -13.37 -29.09
C LYS B 111 9.37 -14.10 -30.42
N GLY B 112 10.36 -14.98 -30.63
CA GLY B 112 10.42 -15.71 -31.89
C GLY B 112 9.34 -16.76 -32.08
N LEU B 113 9.16 -17.64 -31.08
CA LEU B 113 8.23 -18.76 -31.21
C LEU B 113 6.84 -18.30 -31.60
N GLN B 114 6.32 -17.27 -30.93
CA GLN B 114 4.98 -16.77 -31.23
C GLN B 114 4.86 -16.39 -32.70
N ALA B 115 5.83 -15.63 -33.20
CA ALA B 115 5.77 -15.17 -34.59
C ALA B 115 5.77 -16.33 -35.57
N ASP B 116 6.62 -17.34 -35.33
CA ASP B 116 6.67 -18.43 -36.32
C ASP B 116 5.36 -19.22 -36.35
N ILE B 117 4.83 -19.58 -35.18
CA ILE B 117 3.59 -20.35 -35.21
C ILE B 117 2.47 -19.51 -35.81
N LEU B 118 2.46 -18.21 -35.52
CA LEU B 118 1.49 -17.33 -36.16
C LEU B 118 1.66 -17.33 -37.67
N ALA B 119 2.88 -17.54 -38.15
CA ALA B 119 3.08 -17.66 -39.59
C ALA B 119 2.34 -18.87 -40.14
N LYS B 120 2.51 -20.03 -39.47
CA LYS B 120 1.76 -21.21 -39.91
C LYS B 120 0.26 -20.93 -39.94
N LEU B 121 -0.27 -20.39 -38.84
CA LEU B 121 -1.71 -20.16 -38.75
C LEU B 121 -2.17 -19.23 -39.88
N ALA B 122 -1.43 -18.15 -40.11
CA ALA B 122 -1.78 -17.25 -41.20
C ALA B 122 -1.84 -17.99 -42.53
N ARG B 123 -0.86 -18.88 -42.80
CA ARG B 123 -0.93 -19.66 -44.03
C ARG B 123 -2.23 -20.44 -44.12
N VAL B 124 -2.58 -21.19 -43.07
CA VAL B 124 -3.82 -21.96 -43.13
C VAL B 124 -4.99 -21.05 -43.44
N ILE B 125 -5.05 -19.89 -42.78
CA ILE B 125 -6.14 -18.95 -43.03
C ILE B 125 -6.20 -18.58 -44.50
N ARG B 126 -5.06 -18.18 -45.08
CA ARG B 126 -5.05 -17.77 -46.48
C ARG B 126 -5.51 -18.89 -47.39
N GLN B 127 -5.13 -20.13 -47.08
CA GLN B 127 -5.54 -21.25 -47.93
C GLN B 127 -7.02 -21.54 -47.81
N LYS B 128 -7.60 -21.38 -46.62
CA LYS B 128 -9.00 -21.69 -46.39
C LYS B 128 -9.94 -20.53 -46.74
N HIS B 129 -9.43 -19.31 -46.81
CA HIS B 129 -10.24 -18.14 -47.14
C HIS B 129 -9.44 -17.26 -48.09
N LEU B 130 -9.92 -17.13 -49.33
CA LEU B 130 -9.17 -16.49 -50.40
C LEU B 130 -9.40 -14.98 -50.48
N SER B 131 -10.58 -14.49 -50.10
CA SER B 131 -10.89 -13.07 -50.17
C SER B 131 -10.48 -12.29 -48.93
N TRP B 132 -10.03 -12.96 -47.87
CA TRP B 132 -9.66 -12.28 -46.64
C TRP B 132 -8.29 -11.61 -46.74
N ASN B 133 -8.14 -10.52 -45.99
CA ASN B 133 -6.87 -9.80 -45.87
C ASN B 133 -6.21 -10.20 -44.56
N VAL B 134 -4.98 -10.71 -44.64
CA VAL B 134 -4.24 -11.24 -43.50
C VAL B 134 -2.90 -10.53 -43.43
N GLU B 135 -2.68 -9.72 -42.40
CA GLU B 135 -1.43 -9.00 -42.21
C GLU B 135 -0.72 -9.53 -40.97
N GLU B 136 0.58 -9.77 -41.10
CA GLU B 136 1.41 -10.26 -40.00
C GLU B 136 2.31 -9.14 -39.48
N VAL B 137 2.18 -8.82 -38.18
CA VAL B 137 3.04 -7.84 -37.53
C VAL B 137 3.84 -8.58 -36.47
N ARG B 138 5.17 -8.59 -36.59
CA ARG B 138 6.01 -9.25 -35.59
C ARG B 138 7.22 -8.41 -35.18
N ARG B 139 7.28 -7.13 -35.55
CA ARG B 139 8.38 -6.25 -35.18
C ARG B 139 8.03 -5.35 -34.00
N THR B 140 7.21 -5.83 -33.09
CA THR B 140 6.77 -5.06 -31.93
C THR B 140 6.86 -5.92 -30.67
N ARG B 141 6.55 -5.31 -29.52
CA ARG B 141 6.65 -6.01 -28.25
C ARG B 141 5.74 -7.23 -28.19
N VAL B 142 4.59 -7.17 -28.86
CA VAL B 142 3.65 -8.30 -28.85
C VAL B 142 3.29 -8.62 -30.30
N PRO B 143 3.84 -9.68 -30.89
CA PRO B 143 3.44 -10.05 -32.25
C PRO B 143 1.96 -10.35 -32.35
N VAL B 144 1.39 -10.07 -33.52
CA VAL B 144 -0.06 -10.18 -33.73
C VAL B 144 -0.32 -10.30 -35.22
N VAL B 145 -1.41 -11.00 -35.56
CA VAL B 145 -1.89 -11.10 -36.93
C VAL B 145 -3.28 -10.47 -37.00
N ARG B 146 -3.47 -9.55 -37.94
CA ARG B 146 -4.73 -8.84 -38.10
C ARG B 146 -5.41 -9.31 -39.37
N VAL B 147 -6.66 -9.74 -39.24
CA VAL B 147 -7.43 -10.32 -40.35
C VAL B 147 -8.69 -9.48 -40.54
N LYS B 148 -8.89 -8.98 -41.76
CA LYS B 148 -10.10 -8.22 -42.10
C LYS B 148 -10.72 -8.85 -43.33
N GLY B 149 -12.03 -9.07 -43.30
CA GLY B 149 -12.74 -9.61 -44.44
C GLY B 149 -14.22 -9.27 -44.45
N ASP B 154 -13.47 -8.92 -38.75
CA ASP B 154 -12.22 -8.28 -38.37
C ASP B 154 -11.78 -8.76 -36.99
N PHE B 155 -10.53 -9.20 -36.87
CA PHE B 155 -10.04 -9.66 -35.57
C PHE B 155 -8.52 -9.66 -35.57
N ASP B 156 -7.96 -9.59 -34.36
CA ASP B 156 -6.53 -9.73 -34.13
C ASP B 156 -6.28 -11.01 -33.35
N ILE B 157 -5.13 -11.64 -33.59
CA ILE B 157 -4.80 -12.90 -32.93
C ILE B 157 -3.36 -12.86 -32.46
N THR B 158 -3.13 -13.32 -31.23
CA THR B 158 -1.81 -13.45 -30.62
C THR B 158 -1.67 -14.87 -30.07
N ALA B 159 -0.53 -15.14 -29.41
CA ALA B 159 -0.24 -16.48 -28.92
C ALA B 159 0.64 -16.43 -27.69
N TYR B 160 0.40 -17.36 -26.76
CA TYR B 160 1.30 -17.64 -25.64
C TYR B 160 1.37 -16.50 -24.63
N ARG B 161 0.25 -15.86 -24.34
CA ARG B 161 0.22 -14.77 -23.36
C ARG B 161 -1.08 -14.81 -22.56
N ARG B 162 -0.98 -14.46 -21.28
CA ARG B 162 -2.11 -14.52 -20.36
C ARG B 162 -2.59 -13.15 -19.88
N ASN B 163 -1.75 -12.12 -19.97
CA ASN B 163 -2.07 -10.84 -19.31
C ASN B 163 -3.33 -10.20 -19.91
N GLY B 164 -3.50 -10.29 -21.24
CA GLY B 164 -4.65 -9.68 -21.86
C GLY B 164 -5.96 -10.24 -21.34
N VAL B 165 -6.13 -11.55 -21.41
CA VAL B 165 -7.33 -12.19 -20.86
C VAL B 165 -7.50 -11.83 -19.40
N ARG B 166 -6.39 -11.72 -18.67
CA ARG B 166 -6.46 -11.48 -17.23
C ARG B 166 -7.04 -10.10 -16.93
N ASN B 167 -6.39 -9.05 -17.44
CA ASN B 167 -6.89 -7.70 -17.17
C ASN B 167 -8.27 -7.48 -17.78
N SER B 168 -8.55 -8.15 -18.90
CA SER B 168 -9.90 -8.12 -19.46
C SER B 168 -10.90 -8.67 -18.46
N ALA B 169 -10.56 -9.79 -17.80
CA ALA B 169 -11.44 -10.35 -16.78
C ALA B 169 -11.60 -9.40 -15.60
N LEU B 170 -10.51 -8.76 -15.17
CA LEU B 170 -10.60 -7.81 -14.07
C LEU B 170 -11.59 -6.70 -14.39
N LEU B 171 -11.42 -6.06 -15.56
CA LEU B 171 -12.34 -5.00 -15.96
C LEU B 171 -13.77 -5.53 -16.04
N ARG B 172 -13.94 -6.74 -16.59
CA ARG B 172 -15.28 -7.32 -16.68
C ARG B 172 -15.92 -7.42 -15.31
N ALA B 173 -15.17 -7.87 -14.30
CA ALA B 173 -15.72 -7.95 -12.94
C ALA B 173 -16.10 -6.56 -12.44
N TYR B 174 -15.18 -5.60 -12.57
CA TYR B 174 -15.47 -4.24 -12.13
C TYR B 174 -16.79 -3.75 -12.72
N PHE B 175 -17.00 -3.95 -14.02
CA PHE B 175 -18.24 -3.49 -14.64
C PHE B 175 -19.44 -4.34 -14.24
N GLU B 176 -19.21 -5.60 -13.85
CA GLU B 176 -20.31 -6.41 -13.33
C GLU B 176 -20.79 -5.86 -11.99
N GLN B 177 -19.93 -5.19 -11.24
CA GLN B 177 -20.40 -4.54 -10.02
C GLN B 177 -21.49 -3.50 -10.30
N ASN B 178 -21.42 -2.81 -11.44
CA ASN B 178 -22.34 -1.71 -11.73
C ASN B 178 -22.60 -1.65 -13.23
N PRO B 179 -23.51 -2.47 -13.73
CA PRO B 179 -23.67 -2.62 -15.19
C PRO B 179 -23.90 -1.29 -15.90
N PRO B 180 -24.84 -0.46 -15.44
CA PRO B 180 -25.12 0.76 -16.21
C PRO B 180 -23.91 1.63 -16.45
N CYS B 181 -22.94 1.63 -15.53
CA CYS B 181 -21.74 2.45 -15.70
C CYS B 181 -21.08 2.21 -17.05
N ARG B 182 -21.26 1.01 -17.62
CA ARG B 182 -20.73 0.72 -18.95
C ARG B 182 -20.98 1.87 -19.91
N TRP B 183 -22.21 2.38 -19.93
CA TRP B 183 -22.54 3.49 -20.82
C TRP B 183 -21.45 4.55 -20.80
N LEU B 184 -21.17 5.09 -19.62
CA LEU B 184 -20.12 6.09 -19.48
C LEU B 184 -18.90 5.70 -20.30
N SER B 185 -18.29 4.58 -19.93
CA SER B 185 -17.10 4.11 -20.65
C SER B 185 -17.32 4.16 -22.15
N MET B 186 -18.38 3.50 -22.64
CA MET B 186 -18.66 3.48 -24.06
C MET B 186 -18.56 4.88 -24.65
N SER B 187 -19.32 5.81 -24.09
CA SER B 187 -19.29 7.19 -24.57
C SER B 187 -17.85 7.66 -24.75
N ILE B 188 -17.09 7.64 -23.66
CA ILE B 188 -15.71 8.14 -23.69
C ILE B 188 -14.97 7.52 -24.86
N LYS B 189 -15.02 6.19 -24.97
CA LYS B 189 -14.28 5.51 -26.03
C LYS B 189 -14.58 6.16 -27.38
N ARG B 190 -15.87 6.23 -27.73
CA ARG B 190 -16.24 6.82 -29.02
C ARG B 190 -15.66 8.21 -29.14
N TRP B 191 -15.85 9.03 -28.11
CA TRP B 191 -15.31 10.39 -28.13
C TRP B 191 -13.81 10.38 -28.42
N SER B 192 -13.08 9.47 -27.77
CA SER B 192 -11.63 9.45 -27.93
C SER B 192 -11.23 9.16 -29.36
N LYS B 193 -12.10 8.46 -30.12
CA LYS B 193 -11.80 8.17 -31.51
C LYS B 193 -12.18 9.31 -32.44
N GLN B 194 -13.11 10.17 -32.03
CA GLN B 194 -13.55 11.26 -32.88
C GLN B 194 -12.66 12.49 -32.78
N THR B 195 -11.92 12.62 -31.66
CA THR B 195 -11.05 13.77 -31.44
C THR B 195 -9.61 13.50 -31.83
N GLY B 196 -9.25 12.25 -32.11
CA GLY B 196 -7.88 11.91 -32.47
C GLY B 196 -7.01 11.49 -31.31
N LEU B 197 -7.56 11.36 -30.10
CA LEU B 197 -6.76 10.94 -28.96
C LEU B 197 -6.51 9.44 -28.96
N ASN B 198 -7.46 8.65 -29.44
CA ASN B 198 -7.29 7.20 -29.43
C ASN B 198 -6.15 6.80 -30.35
N ALA B 199 -5.31 5.87 -29.87
CA ALA B 199 -4.16 5.44 -30.65
C ALA B 199 -4.54 4.70 -31.93
N SER B 200 -5.83 4.42 -32.15
CA SER B 200 -6.26 3.83 -33.41
C SER B 200 -6.25 4.83 -34.55
N VAL B 201 -6.07 6.11 -34.26
CA VAL B 201 -6.01 7.15 -35.28
C VAL B 201 -4.57 7.65 -35.35
N ILE B 202 -4.13 8.01 -36.56
CA ILE B 202 -2.79 8.53 -36.75
C ILE B 202 -2.64 9.79 -35.90
N GLY B 203 -1.70 9.75 -34.96
CA GLY B 203 -1.48 10.84 -34.02
C GLY B 203 -1.96 10.56 -32.61
N GLY B 204 -2.76 9.52 -32.40
CA GLY B 204 -3.25 9.22 -31.07
C GLY B 204 -2.15 8.75 -30.14
N SER B 205 -2.44 8.81 -28.84
CA SER B 205 -1.46 8.49 -27.81
C SER B 205 -1.95 7.53 -26.74
N ILE B 206 -3.26 7.32 -26.58
CA ILE B 206 -3.80 6.46 -25.54
C ILE B 206 -4.78 5.48 -26.18
N THR B 207 -4.58 4.18 -25.91
CA THR B 207 -5.46 3.15 -26.43
C THR B 207 -6.77 3.12 -25.65
N SER B 208 -7.74 2.38 -26.17
CA SER B 208 -9.01 2.20 -25.47
C SER B 208 -8.79 1.55 -24.11
N TYR B 209 -7.84 0.63 -24.03
CA TYR B 209 -7.50 -0.01 -22.76
C TYR B 209 -7.15 1.03 -21.69
N GLY B 210 -6.29 2.00 -22.04
CA GLY B 210 -5.93 3.02 -21.09
C GLY B 210 -7.12 3.86 -20.65
N PHE B 211 -8.01 4.19 -21.58
CA PHE B 211 -9.19 4.96 -21.22
C PHE B 211 -10.10 4.17 -20.28
N ASN B 212 -10.23 2.87 -20.50
CA ASN B 212 -10.97 2.03 -19.56
C ASN B 212 -10.34 2.12 -18.17
N LEU B 213 -9.01 2.01 -18.09
CA LEU B 213 -8.34 2.14 -16.81
C LEU B 213 -8.64 3.48 -16.16
N MET B 214 -8.63 4.56 -16.95
CA MET B 214 -8.96 5.88 -16.43
C MET B 214 -10.38 5.90 -15.84
N VAL B 215 -11.34 5.37 -16.58
CA VAL B 215 -12.72 5.36 -16.11
C VAL B 215 -12.83 4.60 -14.79
N VAL B 216 -12.23 3.42 -14.72
CA VAL B 216 -12.34 2.61 -13.51
C VAL B 216 -11.69 3.35 -12.34
N TYR B 217 -10.56 4.02 -12.58
CA TYR B 217 -9.93 4.79 -11.51
C TYR B 217 -10.85 5.89 -10.99
N TYR B 218 -11.41 6.68 -11.91
CA TYR B 218 -12.33 7.75 -11.49
C TYR B 218 -13.49 7.18 -10.69
N LEU B 219 -14.17 6.17 -11.22
CA LEU B 219 -15.29 5.57 -10.49
C LEU B 219 -14.84 5.06 -9.12
N LEU B 220 -13.57 4.65 -9.00
CA LEU B 220 -13.08 4.12 -7.74
C LEU B 220 -12.88 5.24 -6.72
N GLN B 221 -12.39 6.40 -7.17
CA GLN B 221 -12.20 7.50 -6.23
C GLN B 221 -13.53 8.04 -5.70
N ARG B 222 -14.60 7.93 -6.48
CA ARG B 222 -15.92 8.41 -6.07
C ARG B 222 -16.73 7.36 -5.32
N ASN B 223 -16.14 6.22 -4.97
CA ASN B 223 -16.81 5.17 -4.19
C ASN B 223 -18.01 4.57 -4.92
N HIS B 224 -18.02 4.59 -6.25
CA HIS B 224 -19.05 3.88 -7.01
C HIS B 224 -18.67 2.44 -7.31
N LEU B 225 -17.44 2.02 -7.03
CA LEU B 225 -17.01 0.65 -7.18
C LEU B 225 -16.21 0.25 -5.96
N GLN B 226 -15.95 -1.05 -5.82
CA GLN B 226 -15.19 -1.58 -4.69
C GLN B 226 -13.92 -2.26 -5.20
N PHE B 227 -12.83 -2.07 -4.45
CA PHE B 227 -11.50 -2.48 -4.92
C PHE B 227 -11.41 -4.00 -5.05
N VAL B 228 -10.68 -4.45 -6.07
CA VAL B 228 -10.45 -5.86 -6.33
C VAL B 228 -8.95 -6.06 -6.57
N PRO B 229 -8.26 -6.86 -5.75
CA PRO B 229 -6.82 -7.07 -5.98
C PRO B 229 -6.58 -7.79 -7.30
N PRO B 230 -5.68 -7.28 -8.14
CA PRO B 230 -5.37 -7.99 -9.40
C PRO B 230 -4.85 -9.40 -9.20
N SER B 231 -4.19 -9.70 -8.08
CA SER B 231 -3.59 -11.01 -7.88
C SER B 231 -4.61 -12.13 -7.67
N THR B 232 -5.90 -11.85 -7.76
CA THR B 232 -6.93 -12.86 -7.54
C THR B 232 -7.45 -13.46 -8.85
N ILE B 233 -7.15 -12.85 -9.99
CA ILE B 233 -7.63 -13.35 -11.28
C ILE B 233 -6.81 -14.58 -11.67
N ASP B 234 -7.50 -15.68 -11.97
CA ASP B 234 -6.85 -16.95 -12.31
C ASP B 234 -7.31 -17.37 -13.70
N VAL B 235 -6.35 -17.49 -14.62
CA VAL B 235 -6.66 -17.89 -15.99
C VAL B 235 -7.26 -19.30 -16.02
N SER B 236 -6.99 -20.11 -15.00
CA SER B 236 -7.52 -21.47 -14.94
C SER B 236 -8.99 -21.51 -14.55
N ARG B 237 -9.66 -20.35 -14.43
CA ARG B 237 -11.05 -20.31 -14.03
C ARG B 237 -11.90 -19.43 -14.95
N VAL B 238 -11.37 -19.01 -16.09
CA VAL B 238 -12.11 -18.14 -17.01
C VAL B 238 -12.54 -18.96 -18.22
N GLU B 239 -13.68 -18.55 -18.82
CA GLU B 239 -14.24 -19.24 -19.99
C GLU B 239 -13.59 -18.71 -21.27
N PRO B 240 -13.22 -19.59 -22.21
CA PRO B 240 -12.64 -19.09 -23.47
C PRO B 240 -13.56 -18.16 -24.24
N LEU B 241 -14.87 -18.37 -24.18
CA LEU B 241 -15.85 -17.50 -24.83
C LEU B 241 -16.95 -17.19 -23.83
N PRO B 242 -16.80 -16.13 -23.04
CA PRO B 242 -17.79 -15.84 -22.00
C PRO B 242 -19.16 -15.56 -22.59
N PRO B 243 -20.22 -15.66 -21.79
CA PRO B 243 -21.57 -15.42 -22.31
C PRO B 243 -21.86 -13.96 -22.56
N HIS B 244 -23.07 -13.67 -23.05
CA HIS B 244 -23.48 -12.31 -23.35
C HIS B 244 -24.12 -11.68 -22.13
N LEU B 245 -23.88 -10.38 -21.97
CA LEU B 245 -24.41 -9.61 -20.84
C LEU B 245 -25.36 -8.54 -21.36
N PRO B 246 -26.66 -8.61 -21.09
CA PRO B 246 -27.58 -7.61 -21.66
C PRO B 246 -27.28 -6.22 -21.18
N LEU B 247 -27.57 -5.24 -22.04
CA LEU B 247 -27.41 -3.82 -21.74
C LEU B 247 -28.79 -3.20 -21.62
N GLU B 248 -29.07 -2.60 -20.47
CA GLU B 248 -30.35 -1.98 -20.20
C GLU B 248 -30.27 -0.49 -20.50
N GLU B 249 -31.20 0.00 -21.31
CA GLU B 249 -31.22 1.42 -21.62
C GLU B 249 -31.55 2.24 -20.37
N PRO B 250 -31.01 3.45 -20.26
CA PRO B 250 -31.33 4.28 -19.09
C PRO B 250 -32.81 4.57 -18.99
N ALA B 251 -33.33 4.57 -17.75
CA ALA B 251 -34.73 4.85 -17.50
C ALA B 251 -35.00 6.30 -17.14
N ASP B 252 -33.96 7.05 -16.78
CA ASP B 252 -34.11 8.46 -16.40
C ASP B 252 -33.90 9.41 -17.56
N GLU B 253 -33.94 8.90 -18.79
CA GLU B 253 -33.77 9.69 -20.01
C GLU B 253 -32.35 10.21 -20.18
N GLY B 254 -31.41 9.76 -19.35
CA GLY B 254 -30.01 10.09 -19.50
C GLY B 254 -29.45 11.07 -18.49
N LEU B 255 -30.19 11.38 -17.42
CA LEU B 255 -29.73 12.34 -16.43
C LEU B 255 -28.46 11.85 -15.73
N GLU B 256 -28.51 10.65 -15.14
CA GLU B 256 -27.35 10.11 -14.45
C GLU B 256 -26.15 10.07 -15.37
N LEU B 257 -26.35 9.70 -16.64
CA LEU B 257 -25.24 9.62 -17.58
C LEU B 257 -24.56 10.98 -17.72
N GLY B 258 -25.34 12.03 -18.00
CA GLY B 258 -24.75 13.35 -18.15
C GLY B 258 -24.05 13.83 -16.89
N THR B 259 -24.69 13.63 -15.74
CA THR B 259 -24.05 13.97 -14.46
C THR B 259 -22.68 13.29 -14.35
N GLN B 260 -22.64 11.99 -14.62
CA GLN B 260 -21.38 11.25 -14.50
C GLN B 260 -20.34 11.75 -15.49
N VAL B 261 -20.74 12.06 -16.72
CA VAL B 261 -19.80 12.54 -17.73
C VAL B 261 -19.19 13.85 -17.28
N LEU B 262 -20.02 14.83 -16.93
CA LEU B 262 -19.51 16.13 -16.51
C LEU B 262 -18.60 15.99 -15.29
N ASP B 263 -19.02 15.17 -14.31
CA ASP B 263 -18.19 14.97 -13.14
C ASP B 263 -16.85 14.34 -13.50
N PHE B 264 -16.86 13.41 -14.47
CA PHE B 264 -15.62 12.79 -14.95
C PHE B 264 -14.67 13.84 -15.52
N LEU B 265 -15.16 14.64 -16.46
CA LEU B 265 -14.32 15.67 -17.06
C LEU B 265 -13.78 16.62 -16.00
N HIS B 266 -14.64 17.09 -15.11
CA HIS B 266 -14.17 17.97 -14.04
C HIS B 266 -13.09 17.30 -13.22
N PHE B 267 -13.28 16.02 -12.89
CA PHE B 267 -12.29 15.31 -12.08
C PHE B 267 -10.94 15.29 -12.76
N PHE B 268 -10.89 14.88 -14.03
CA PHE B 268 -9.59 14.80 -14.70
C PHE B 268 -9.08 16.15 -15.18
N LEU B 269 -9.83 17.23 -14.96
CA LEU B 269 -9.35 18.57 -15.29
C LEU B 269 -8.82 19.32 -14.06
N HIS B 270 -9.47 19.18 -12.90
CA HIS B 270 -9.14 20.01 -11.74
C HIS B 270 -8.83 19.25 -10.46
N GLU B 271 -9.04 17.93 -10.40
CA GLU B 271 -8.78 17.16 -9.20
C GLU B 271 -7.54 16.27 -9.32
N PHE B 272 -7.39 15.56 -10.42
CA PHE B 272 -6.19 14.75 -10.61
C PHE B 272 -4.99 15.66 -10.88
N ASP B 273 -3.93 15.47 -10.11
CA ASP B 273 -2.70 16.28 -10.22
C ASP B 273 -1.67 15.45 -10.98
N SER B 274 -1.48 15.77 -12.27
CA SER B 274 -0.57 15.01 -13.11
C SER B 274 0.89 15.19 -12.73
N ASP B 275 1.22 16.15 -11.86
CA ASP B 275 2.59 16.34 -11.41
C ASP B 275 2.94 15.50 -10.20
N LYS B 276 1.97 14.84 -9.58
CA LYS B 276 2.22 14.14 -8.31
C LYS B 276 1.66 12.72 -8.31
N GLN B 277 0.55 12.51 -8.99
CA GLN B 277 -0.26 11.30 -8.82
C GLN B 277 -0.15 10.39 -10.02
N VAL B 278 -0.53 9.13 -9.81
CA VAL B 278 -0.47 8.08 -10.82
C VAL B 278 -1.82 7.38 -10.89
N ILE B 279 -2.33 7.19 -12.10
CA ILE B 279 -3.55 6.44 -12.32
C ILE B 279 -3.20 4.95 -12.21
N SER B 280 -3.72 4.29 -11.18
CA SER B 280 -3.31 2.92 -10.89
C SER B 280 -4.46 2.11 -10.31
N LEU B 281 -4.54 0.83 -10.72
CA LEU B 281 -5.43 -0.13 -10.10
C LEU B 281 -4.68 -1.18 -9.30
N ASN B 282 -3.38 -0.97 -9.04
CA ASN B 282 -2.60 -1.94 -8.28
C ASN B 282 -2.86 -1.85 -6.77
N ARG B 283 -3.22 -0.68 -6.27
CA ARG B 283 -3.43 -0.46 -4.85
C ARG B 283 -4.63 0.42 -4.63
N PRO B 284 -5.28 0.33 -3.46
CA PRO B 284 -6.30 1.31 -3.11
C PRO B 284 -5.67 2.61 -2.61
N GLY B 285 -6.41 3.70 -2.80
CA GLY B 285 -5.95 5.01 -2.38
C GLY B 285 -5.23 5.77 -3.47
N ILE B 286 -4.23 6.56 -3.09
CA ILE B 286 -3.49 7.41 -4.02
C ILE B 286 -2.08 6.88 -4.14
N THR B 287 -1.59 6.81 -5.38
CA THR B 287 -0.22 6.43 -5.68
C THR B 287 0.53 7.64 -6.21
N THR B 288 1.68 7.94 -5.62
CA THR B 288 2.46 9.10 -5.99
C THR B 288 3.56 8.71 -6.97
N LYS B 289 3.89 9.64 -7.85
CA LYS B 289 5.01 9.44 -8.77
C LYS B 289 6.30 9.17 -8.02
N GLU B 290 6.44 9.76 -6.82
CA GLU B 290 7.65 9.60 -6.03
C GLU B 290 7.91 8.14 -5.67
N GLU B 291 6.89 7.45 -5.15
CA GLU B 291 7.09 6.08 -4.66
C GLU B 291 7.33 5.07 -5.78
N LEU B 292 7.13 5.46 -7.03
CA LEU B 292 7.42 4.59 -8.18
C LEU B 292 8.70 5.01 -8.93
N ASP B 293 9.34 6.10 -8.51
CA ASP B 293 10.49 6.64 -9.23
C ASP B 293 10.13 7.04 -10.66
N TRP B 294 8.87 7.42 -10.86
CA TRP B 294 8.41 7.94 -12.14
C TRP B 294 8.36 9.47 -12.05
N THR B 295 9.55 10.06 -11.94
CA THR B 295 9.70 11.47 -11.62
C THR B 295 10.38 12.22 -12.76
N LYS B 296 10.40 13.55 -12.63
CA LYS B 296 11.08 14.36 -13.62
C LYS B 296 12.56 14.06 -13.64
N SER B 297 13.14 13.84 -12.45
CA SER B 297 14.55 13.46 -12.37
C SER B 297 14.83 12.21 -13.20
N ALA B 298 13.87 11.28 -13.26
CA ALA B 298 14.07 10.08 -14.05
C ALA B 298 13.95 10.37 -15.54
N GLU B 299 13.09 11.32 -15.92
CA GLU B 299 13.04 11.76 -17.32
C GLU B 299 14.37 12.37 -17.72
N ASP B 300 14.95 13.19 -16.84
CA ASP B 300 16.23 13.82 -17.13
C ASP B 300 17.33 12.77 -17.22
N PHE B 301 17.29 11.77 -16.34
CA PHE B 301 18.33 10.75 -16.32
C PHE B 301 18.25 9.89 -17.58
N ALA B 302 17.03 9.58 -18.02
CA ALA B 302 16.86 8.82 -19.26
C ALA B 302 17.33 9.63 -20.46
N ARG B 303 16.91 10.90 -20.55
CA ARG B 303 17.34 11.74 -21.66
C ARG B 303 18.85 11.88 -21.70
N MET B 304 19.49 11.95 -20.54
CA MET B 304 20.93 12.10 -20.46
C MET B 304 21.68 10.77 -20.54
N ASN B 305 20.97 9.64 -20.55
CA ASN B 305 21.61 8.33 -20.66
C ASN B 305 21.37 7.66 -22.01
N GLY B 306 20.82 8.38 -22.99
CA GLY B 306 20.54 7.79 -24.28
C GLY B 306 19.15 7.21 -24.45
N GLU B 307 18.45 6.90 -23.36
CA GLU B 307 17.11 6.33 -23.48
C GLU B 307 16.08 7.45 -23.57
N LYS B 308 14.84 7.06 -23.85
CA LYS B 308 13.73 8.01 -23.88
C LYS B 308 12.56 7.40 -23.13
N VAL B 309 11.76 8.27 -22.51
CA VAL B 309 10.60 7.84 -21.72
C VAL B 309 9.91 9.08 -21.19
N HIS B 310 8.58 9.05 -21.13
CA HIS B 310 7.79 10.16 -20.64
C HIS B 310 7.01 9.76 -19.40
N TYR B 311 6.82 10.72 -18.50
CA TYR B 311 5.99 10.56 -17.32
C TYR B 311 5.08 11.78 -17.18
N GLN B 312 4.49 12.22 -18.29
CA GLN B 312 3.59 13.37 -18.26
C GLN B 312 2.18 12.97 -17.89
N TRP B 313 1.71 11.82 -18.39
CA TRP B 313 0.39 11.28 -18.06
C TRP B 313 0.62 9.82 -17.70
N CYS B 314 0.59 9.50 -16.41
CA CYS B 314 1.04 8.21 -15.89
C CYS B 314 -0.15 7.30 -15.64
N ILE B 315 -0.10 6.10 -16.22
CA ILE B 315 -1.11 5.07 -16.04
C ILE B 315 -0.39 3.76 -15.79
N GLU B 316 -0.38 3.30 -14.54
CA GLU B 316 0.33 2.08 -14.18
C GLU B 316 -0.44 0.85 -14.68
N ASP B 317 0.34 -0.18 -15.23
CA ASP B 317 -0.29 -1.41 -15.70
C ASP B 317 -0.43 -2.42 -14.56
N PRO B 318 -1.54 -3.16 -14.48
CA PRO B 318 -1.75 -4.04 -13.32
C PRO B 318 -0.88 -5.29 -13.30
N TYR B 319 -0.38 -5.76 -14.44
CA TYR B 319 0.35 -7.03 -14.47
C TYR B 319 1.73 -6.91 -15.10
N GLU B 320 1.88 -6.13 -16.16
CA GLU B 320 3.19 -5.99 -16.78
C GLU B 320 4.16 -5.33 -15.81
N LEU B 321 5.45 -5.52 -16.06
CA LEU B 321 6.48 -5.10 -15.10
C LEU B 321 6.93 -3.68 -15.44
N ASN B 322 6.58 -2.73 -14.57
CA ASN B 322 7.06 -1.36 -14.65
C ASN B 322 6.80 -0.76 -16.04
N LEU B 323 5.53 -0.80 -16.44
CA LEU B 323 5.11 -0.34 -17.76
C LEU B 323 4.03 0.71 -17.62
N ASN B 324 4.28 1.89 -18.18
CA ASN B 324 3.32 2.98 -18.16
C ASN B 324 2.49 2.96 -19.45
N VAL B 325 1.17 2.82 -19.29
CA VAL B 325 0.28 2.77 -20.45
C VAL B 325 0.18 4.13 -21.15
N GLY B 326 0.56 5.21 -20.47
CA GLY B 326 0.57 6.53 -21.08
C GLY B 326 1.96 6.95 -21.49
N ARG B 327 2.81 5.98 -21.85
CA ARG B 327 4.19 6.27 -22.21
C ARG B 327 4.30 7.08 -23.49
N ASN B 328 3.25 7.13 -24.31
CA ASN B 328 3.29 7.84 -25.58
C ASN B 328 2.68 9.23 -25.50
N VAL B 329 2.29 9.68 -24.31
CA VAL B 329 1.73 11.01 -24.12
C VAL B 329 2.90 11.95 -23.85
N THR B 330 3.27 12.74 -24.84
CA THR B 330 4.30 13.75 -24.67
C THR B 330 3.70 14.96 -23.96
N PRO B 331 4.53 15.90 -23.51
CA PRO B 331 3.98 17.11 -22.88
C PRO B 331 3.03 17.86 -23.79
N LEU B 332 3.37 17.90 -25.08
CA LEU B 332 2.58 18.65 -26.05
C LEU B 332 1.21 17.99 -26.25
N LYS B 333 1.21 16.68 -26.54
CA LYS B 333 -0.05 15.96 -26.66
C LYS B 333 -0.83 15.96 -25.36
N ARG B 334 -0.16 16.14 -24.23
CA ARG B 334 -0.88 16.36 -22.98
C ARG B 334 -1.65 17.68 -23.03
N ASP B 335 -1.02 18.74 -23.53
CA ASP B 335 -1.78 19.97 -23.76
C ASP B 335 -2.98 19.71 -24.65
N PHE B 336 -2.79 18.98 -25.75
CA PHE B 336 -3.91 18.63 -26.61
C PHE B 336 -5.05 17.98 -25.81
N LEU B 337 -4.72 16.92 -25.06
CA LEU B 337 -5.71 16.24 -24.24
C LEU B 337 -6.45 17.21 -23.35
N ARG B 338 -5.72 18.12 -22.70
CA ARG B 338 -6.37 19.08 -21.81
C ARG B 338 -7.40 19.90 -22.57
N ARG B 339 -7.00 20.51 -23.69
CA ARG B 339 -7.92 21.37 -24.42
C ARG B 339 -9.18 20.60 -24.82
N HIS B 340 -9.02 19.37 -25.31
CA HIS B 340 -10.21 18.60 -25.69
C HIS B 340 -11.09 18.31 -24.47
N LEU B 341 -10.47 17.98 -23.34
CA LEU B 341 -11.25 17.82 -22.11
C LEU B 341 -12.08 19.06 -21.83
N GLU B 342 -11.53 20.25 -22.11
CA GLU B 342 -12.28 21.48 -21.91
C GLU B 342 -13.44 21.59 -22.90
N LYS B 343 -13.19 21.28 -24.18
CA LYS B 343 -14.25 21.39 -25.17
C LYS B 343 -15.41 20.44 -24.88
N ALA B 344 -15.11 19.30 -24.25
CA ALA B 344 -16.14 18.28 -24.05
C ALA B 344 -17.27 18.79 -23.16
N ARG B 345 -16.96 19.65 -22.18
CA ARG B 345 -18.00 20.09 -21.25
C ARG B 345 -19.03 20.98 -21.93
N ASP B 346 -18.64 21.67 -23.00
CA ASP B 346 -19.53 22.58 -23.71
C ASP B 346 -20.15 21.95 -24.94
N THR B 347 -19.50 20.95 -25.55
CA THR B 347 -20.04 20.29 -26.73
C THR B 347 -20.73 18.98 -26.42
N ALA B 348 -20.77 18.55 -25.16
CA ALA B 348 -21.38 17.29 -24.75
C ALA B 348 -20.83 16.13 -25.58
N LEU B 349 -19.50 16.00 -25.54
CA LEU B 349 -18.79 14.95 -26.27
C LEU B 349 -19.09 15.01 -27.77
N LEU B 350 -19.18 16.24 -28.30
CA LEU B 350 -19.36 16.46 -29.74
C LEU B 350 -20.65 15.85 -30.26
N THR B 351 -21.75 16.11 -29.56
CA THR B 351 -23.07 15.68 -30.03
C THR B 351 -24.00 16.84 -30.30
N ILE B 352 -23.94 17.91 -29.50
CA ILE B 352 -24.74 19.11 -29.73
C ILE B 352 -24.16 19.88 -30.92
PA UTP E . 6.76 4.19 19.22
O1A UTP E . 6.33 5.48 18.62
O2A UTP E . 7.94 3.63 18.47
O3A UTP E . 7.19 4.43 20.80
O5' UTP E . 5.50 3.09 19.13
PB UTP E . 6.59 5.55 21.81
O1B UTP E . 5.30 6.05 21.29
O2B UTP E . 6.40 4.92 23.15
O3B UTP E . 7.66 6.84 21.97
PG UTP E . 7.96 8.00 20.80
O1G UTP E . 9.16 7.59 19.94
O2G UTP E . 8.28 9.32 21.48
O3G UTP E . 6.75 8.17 19.93
C5' UTP E . 4.29 3.33 19.85
C4' UTP E . 3.47 2.05 19.92
O4' UTP E . 3.51 1.40 18.78
C1' UTP E . 3.44 -0.15 19.14
C2' UTP E . 3.61 -0.28 20.49
O2' UTP E . 2.29 -0.59 21.16
C3' UTP E . 4.11 1.05 20.95
O3' UTP E . 3.69 1.31 22.23
N1 UTP E . 4.50 -0.87 18.44
C6 UTP E . 5.50 -0.22 17.99
C2 UTP E . 4.43 -2.24 18.28
O2 UTP E . 3.50 -2.84 18.71
N3 UTP E . 5.41 -2.89 17.64
C4 UTP E . 6.44 -2.22 17.17
O4 UTP E . 7.31 -2.80 16.60
C5 UTP E . 6.51 -0.88 17.33
H5'1 UTP E . 4.50 3.63 20.76
H5'2 UTP E . 3.77 4.02 19.39
H4' UTP E . 2.55 2.24 20.17
H1' UTP E . 2.58 -0.51 18.88
H2' UTP E . 4.26 -0.98 20.68
HA UTP E . 2.41 -0.77 21.98
H3' UTP E . 5.08 1.08 20.90
HB UTP E . 4.34 1.21 22.77
H6 UTP E . 5.55 0.71 18.09
H3 UTP E . 5.37 -3.74 17.54
H5 UTP E . 7.24 -0.41 16.99
MG MG F . 4.76 7.48 19.26
PA UTP G . -8.15 -2.48 -27.39
O1A UTP G . -8.59 -2.80 -28.77
O2A UTP G . -7.21 -1.29 -27.41
O3A UTP G . -9.46 -2.11 -26.45
O5' UTP G . -7.32 -3.79 -26.75
PB UTP G . -10.97 -2.59 -26.73
O1B UTP G . -10.98 -3.88 -27.43
O2B UTP G . -11.66 -2.73 -25.40
O3B UTP G . -11.80 -1.43 -27.63
PG UTP G . -11.81 -1.32 -29.29
O1G UTP G . -10.75 -0.32 -29.76
O2G UTP G . -13.18 -0.87 -29.76
O3G UTP G . -11.50 -2.67 -29.88
C5' UTP G . -8.03 -5.02 -26.51
C4' UTP G . -7.30 -5.82 -25.45
O4' UTP G . -6.01 -5.89 -25.71
C1' UTP G . -5.24 -5.82 -24.31
C2' UTP G . -6.16 -5.59 -23.33
O2' UTP G . -6.47 -6.89 -22.61
C3' UTP G . -7.38 -5.11 -24.06
O3' UTP G . -8.52 -5.48 -23.39
N1 UTP G . -4.28 -4.72 -24.34
C6 UTP G . -4.43 -3.77 -25.19
C2 UTP G . -3.22 -4.71 -23.46
O2 UTP G . -3.08 -5.59 -22.69
N3 UTP G . -2.33 -3.69 -23.49
C4 UTP G . -2.48 -2.71 -24.35
O4 UTP G . -1.70 -1.82 -24.38
C5 UTP G . -3.53 -2.73 -25.21
H5'1 UTP G . -8.93 -4.81 -26.20
H5'2 UTP G . -8.08 -5.53 -27.33
H4' UTP G . -7.67 -6.72 -25.38
H1' UTP G . -4.78 -6.66 -24.14
H2' UTP G . -5.84 -4.91 -22.72
HA UTP G . -6.70 -6.71 -21.80
H3' UTP G . -7.36 -4.14 -24.16
HB UTP G . -8.76 -4.85 -22.86
H6 UTP G . -5.15 -3.78 -25.78
H3 UTP G . -1.67 -3.69 -22.94
H5 UTP G . -3.63 -2.03 -25.82
MG MG H . -10.17 -4.34 -29.50
MG MG I . -8.39 -5.61 -35.20
MG MG J . 6.25 5.61 16.17
MG MG K . -6.95 -3.22 -30.39
#